data_6JUK
#
_entry.id   6JUK
#
_cell.length_a   78.038
_cell.length_b   54.181
_cell.length_c   102.828
_cell.angle_alpha   90.00
_cell.angle_beta   99.72
_cell.angle_gamma   90.00
#
_symmetry.space_group_name_H-M   'P 1 21 1'
#
loop_
_entity.id
_entity.type
_entity.pdbx_description
1 polymer 'Formate dehydrogenase'
2 non-polymer GLYCEROL
3 non-polymer '[[(2S,3S,4R,5S)-5-(3-aminocarbonylpyridin-1-ium-1-yl)-3,4-bis(oxidanyl)oxolan-2-yl]methoxy-oxidanyl-phosphoryl] [(2S,3S,4R,5S)-5-(4-azanyl-2-oxidanylidene-pyrimidin-1-yl)-3,4-bis(oxidanyl)oxolan-2-yl]methyl hydrogen phosphate'
4 water water
#
_entity_poly.entity_id   1
_entity_poly.type   'polypeptide(L)'
_entity_poly.pdbx_seq_one_letter_code
;MAKVLCVLYDDPVDGYPKTYARDDLPKIDHYPGGQTLPTPKAIDFTPGQLLGSVSGELGLRKYLESNGHTLVVTSDKDGP
DSVFERELVDADVVISQPFWPAYLTPERIAKAKNLKLALTAGIGSDHVDLQSAIDRNVTVAEVTYCNSISVAEHVVMMIL
SLVRNYLPSHEWARKGGWNIADCVSHAYDLEAMHVGTVAAGRIGLAVLRRLAPFDVHLHYTDRHRLPESVEKELNLTWHA
TREDMYPVCDVVTLNIPLHPPTEHMINDETLKLFKRGAYIVNTARGKLCDRDAVARALESGRLAGYAGDVWFPQPAPKDH
PWRTMPYNGMTPHISGTTLTAQARYAAGTREILECFFEGRPIRDEYLIVQGGALAGTGAHIYSKGNATGGSEEAAKFKKA
V
;
_entity_poly.pdbx_strand_id   A,B
#
loop_
_chem_comp.id
_chem_comp.type
_chem_comp.name
_chem_comp.formula
A7R non-polymer '[[(2S,3S,4R,5S)-5-(3-aminocarbonylpyridin-1-ium-1-yl)-3,4-bis(oxidanyl)oxolan-2-yl]methoxy-oxidanyl-phosphoryl] [(2S,3S,4R,5S)-5-(4-azanyl-2-oxidanylidene-pyrimidin-1-yl)-3,4-bis(oxidanyl)oxolan-2-yl]methyl hydrogen phosphate' 'C20 H28 N5 O15 P2 1'
GOL non-polymer GLYCEROL 'C3 H8 O3'
#
# COMPACT_ATOMS: atom_id res chain seq x y z
N ALA A 2 10.45 -9.40 -43.34
CA ALA A 2 10.97 -8.25 -42.60
C ALA A 2 11.84 -8.71 -41.42
N LYS A 3 12.71 -7.82 -40.96
CA LYS A 3 13.54 -8.07 -39.79
C LYS A 3 13.03 -7.22 -38.63
N VAL A 4 12.70 -7.89 -37.51
CA VAL A 4 12.20 -7.25 -36.31
C VAL A 4 13.27 -7.33 -35.24
N LEU A 5 13.69 -6.18 -34.73
CA LEU A 5 14.74 -6.09 -33.73
C LEU A 5 14.11 -5.65 -32.41
N CYS A 6 14.20 -6.50 -31.40
CA CYS A 6 13.45 -6.33 -30.17
C CYS A 6 14.41 -6.39 -28.99
N VAL A 7 14.44 -5.33 -28.17
CA VAL A 7 15.31 -5.24 -27.01
C VAL A 7 14.46 -5.40 -25.75
N LEU A 8 14.86 -6.35 -24.89
CA LEU A 8 14.12 -6.65 -23.66
C LEU A 8 15.10 -6.69 -22.48
N TYR A 9 14.57 -6.76 -21.25
CA TYR A 9 15.47 -6.80 -20.09
C TYR A 9 15.80 -8.25 -19.74
N ASP A 10 16.76 -8.41 -18.81
CA ASP A 10 17.29 -9.72 -18.45
C ASP A 10 16.23 -10.61 -17.79
N ASP A 11 16.42 -11.93 -17.96
CA ASP A 11 15.69 -12.94 -17.21
C ASP A 11 16.07 -12.89 -15.73
N PRO A 12 15.24 -13.45 -14.85
CA PRO A 12 15.58 -13.48 -13.42
C PRO A 12 16.88 -14.22 -13.16
N VAL A 13 17.38 -14.03 -11.93
CA VAL A 13 18.68 -14.56 -11.53
C VAL A 13 18.67 -16.09 -11.56
N ASP A 14 17.55 -16.71 -11.17
CA ASP A 14 17.43 -18.16 -11.18
C ASP A 14 16.92 -18.71 -12.50
N GLY A 15 16.80 -17.86 -13.51
CA GLY A 15 16.43 -18.32 -14.83
C GLY A 15 15.00 -17.95 -15.16
N TYR A 16 14.66 -18.19 -16.42
CA TYR A 16 13.30 -17.95 -16.88
C TYR A 16 12.35 -18.85 -16.10
N PRO A 17 11.28 -18.32 -15.52
CA PRO A 17 10.45 -19.13 -14.62
C PRO A 17 9.67 -20.20 -15.34
N LYS A 18 9.60 -21.38 -14.71
CA LYS A 18 8.81 -22.50 -15.22
C LYS A 18 7.37 -22.43 -14.77
N THR A 19 7.12 -21.99 -13.53
CA THR A 19 5.78 -21.93 -12.95
C THR A 19 5.51 -20.50 -12.45
N TYR A 20 4.23 -20.19 -12.32
CA TYR A 20 3.82 -18.87 -11.87
C TYR A 20 2.88 -19.03 -10.69
N ALA A 21 2.67 -17.92 -9.98
CA ALA A 21 1.87 -17.94 -8.76
C ALA A 21 0.40 -18.22 -9.05
N ARG A 22 -0.08 -17.87 -10.23
CA ARG A 22 -1.48 -18.03 -10.58
C ARG A 22 -1.58 -18.49 -12.02
N ASP A 23 -2.80 -18.85 -12.41
CA ASP A 23 -3.06 -19.51 -13.68
C ASP A 23 -3.55 -18.56 -14.76
N ASP A 24 -4.21 -17.47 -14.39
CA ASP A 24 -4.74 -16.56 -15.39
C ASP A 24 -4.84 -15.17 -14.78
N LEU A 25 -5.33 -14.22 -15.58
CA LEU A 25 -5.41 -12.83 -15.19
C LEU A 25 -6.86 -12.38 -15.17
N PRO A 26 -7.18 -11.37 -14.35
CA PRO A 26 -8.54 -10.82 -14.35
C PRO A 26 -8.96 -10.28 -15.71
N LYS A 27 -10.22 -10.54 -16.04
CA LYS A 27 -10.80 -10.12 -17.31
C LYS A 27 -11.14 -8.64 -17.26
N ILE A 28 -10.68 -7.88 -18.25
CA ILE A 28 -10.94 -6.45 -18.37
C ILE A 28 -11.36 -6.15 -19.80
N ASP A 29 -12.38 -5.30 -19.96
CA ASP A 29 -12.95 -4.94 -21.24
C ASP A 29 -12.31 -3.68 -21.81
N HIS A 30 -12.24 -2.62 -21.00
CA HIS A 30 -11.78 -1.33 -21.50
C HIS A 30 -11.05 -0.59 -20.40
N TYR A 31 -10.32 0.42 -20.82
CA TYR A 31 -9.69 1.34 -19.89
C TYR A 31 -10.69 2.40 -19.47
N PRO A 32 -10.44 3.10 -18.33
CA PRO A 32 -11.29 4.24 -17.99
C PRO A 32 -11.39 5.19 -19.15
N GLY A 33 -12.61 5.48 -19.60
CA GLY A 33 -12.82 6.36 -20.72
C GLY A 33 -13.30 5.68 -21.98
N GLY A 34 -13.23 4.35 -22.07
CA GLY A 34 -13.81 3.62 -23.17
C GLY A 34 -12.84 2.95 -24.13
N GLN A 35 -11.58 3.39 -24.20
CA GLN A 35 -10.60 2.70 -25.06
C GLN A 35 -10.54 1.22 -24.71
N THR A 36 -10.77 0.36 -25.70
CA THR A 36 -10.78 -1.07 -25.47
C THR A 36 -9.36 -1.59 -25.35
N LEU A 37 -9.23 -2.72 -24.66
CA LEU A 37 -7.93 -3.36 -24.48
C LEU A 37 -7.42 -3.86 -25.84
N PRO A 38 -6.13 -4.21 -25.94
CA PRO A 38 -5.60 -4.62 -27.24
C PRO A 38 -6.34 -5.80 -27.84
N THR A 39 -6.45 -5.80 -29.17
CA THR A 39 -7.20 -6.81 -29.92
C THR A 39 -6.33 -7.42 -31.02
N PRO A 40 -5.26 -8.13 -30.67
CA PRO A 40 -4.57 -8.92 -31.70
C PRO A 40 -5.47 -10.04 -32.21
N LYS A 41 -5.18 -10.50 -33.44
CA LYS A 41 -5.97 -11.61 -33.98
C LYS A 41 -5.78 -12.86 -33.13
N ALA A 42 -4.56 -13.13 -32.70
CA ALA A 42 -4.26 -14.25 -31.81
C ALA A 42 -3.07 -13.86 -30.96
N ILE A 43 -2.82 -14.64 -29.92
CA ILE A 43 -1.63 -14.49 -29.09
C ILE A 43 -1.07 -15.88 -28.88
N ASP A 44 0.25 -15.96 -28.70
CA ASP A 44 0.91 -17.25 -28.53
C ASP A 44 1.52 -17.36 -27.14
N PHE A 45 0.94 -16.66 -26.16
CA PHE A 45 1.37 -16.75 -24.79
C PHE A 45 0.15 -16.91 -23.91
N THR A 46 0.37 -17.39 -22.69
CA THR A 46 -0.69 -17.39 -21.70
C THR A 46 -0.54 -16.13 -20.85
N PRO A 47 -1.60 -15.33 -20.70
CA PRO A 47 -1.48 -14.10 -19.92
C PRO A 47 -1.04 -14.39 -18.48
N GLY A 48 -0.05 -13.65 -18.02
CA GLY A 48 0.58 -13.92 -16.74
C GLY A 48 1.98 -14.46 -16.85
N GLN A 49 2.42 -14.84 -18.05
CA GLN A 49 3.79 -15.27 -18.26
C GLN A 49 4.72 -14.07 -18.29
N LEU A 50 5.98 -14.29 -17.90
CA LEU A 50 7.03 -13.28 -18.06
C LEU A 50 7.28 -13.07 -19.55
N LEU A 51 6.93 -11.88 -20.05
CA LEU A 51 7.01 -11.57 -21.47
C LEU A 51 8.05 -10.50 -21.81
N GLY A 52 8.39 -9.65 -20.84
CA GLY A 52 9.30 -8.53 -21.05
C GLY A 52 10.77 -8.82 -20.89
N SER A 53 11.14 -10.07 -20.62
CA SER A 53 12.56 -10.43 -20.59
C SER A 53 12.95 -11.15 -21.88
N VAL A 54 14.26 -11.34 -22.06
CA VAL A 54 14.78 -11.86 -23.33
C VAL A 54 14.17 -13.21 -23.66
N SER A 55 13.94 -14.07 -22.65
CA SER A 55 13.33 -15.36 -22.96
C SER A 55 11.83 -15.26 -23.20
N GLY A 56 11.17 -14.20 -22.72
CA GLY A 56 9.75 -14.03 -23.00
C GLY A 56 9.48 -13.57 -24.43
N GLU A 57 10.35 -12.73 -24.99
CA GLU A 57 10.30 -12.30 -26.39
C GLU A 57 8.97 -11.65 -26.75
N LEU A 58 8.23 -11.11 -25.77
CA LEU A 58 6.90 -10.55 -25.98
C LEU A 58 5.94 -11.53 -26.65
N GLY A 59 6.24 -12.84 -26.60
CA GLY A 59 5.42 -13.84 -27.26
C GLY A 59 5.37 -13.75 -28.77
N LEU A 60 6.43 -13.28 -29.41
CA LEU A 60 6.38 -12.89 -30.82
C LEU A 60 6.95 -13.90 -31.80
N ARG A 61 7.78 -14.86 -31.36
CA ARG A 61 8.66 -15.53 -32.32
C ARG A 61 7.88 -16.38 -33.31
N LYS A 62 6.91 -17.17 -32.81
CA LYS A 62 6.19 -18.08 -33.70
C LYS A 62 5.37 -17.31 -34.72
N TYR A 63 4.74 -16.21 -34.32
CA TYR A 63 3.93 -15.44 -35.25
C TYR A 63 4.80 -14.82 -36.33
N LEU A 64 6.01 -14.39 -35.98
CA LEU A 64 6.87 -13.73 -36.94
C LEU A 64 7.57 -14.73 -37.86
N GLU A 65 8.14 -15.79 -37.29
CA GLU A 65 8.88 -16.74 -38.10
C GLU A 65 7.95 -17.54 -39.00
N SER A 66 6.73 -17.83 -38.55
CA SER A 66 5.78 -18.51 -39.42
C SER A 66 5.20 -17.61 -40.49
N ASN A 67 5.53 -16.31 -40.49
CA ASN A 67 5.10 -15.41 -41.54
C ASN A 67 6.26 -14.92 -42.39
N GLY A 68 7.40 -15.61 -42.34
CA GLY A 68 8.55 -15.25 -43.14
C GLY A 68 9.47 -14.19 -42.57
N HIS A 69 9.18 -13.67 -41.38
CA HIS A 69 9.97 -12.60 -40.79
C HIS A 69 11.09 -13.18 -39.91
N THR A 70 12.05 -12.33 -39.56
CA THR A 70 13.08 -12.70 -38.59
C THR A 70 12.95 -11.84 -37.33
N LEU A 71 13.26 -12.47 -36.20
CA LEU A 71 13.21 -11.80 -34.90
C LEU A 71 14.57 -11.92 -34.24
N VAL A 72 15.21 -10.79 -33.99
CA VAL A 72 16.41 -10.70 -33.16
C VAL A 72 16.00 -10.08 -31.83
N VAL A 73 16.16 -10.84 -30.74
CA VAL A 73 15.87 -10.38 -29.39
C VAL A 73 17.19 -10.28 -28.63
N THR A 74 17.45 -9.10 -28.05
CA THR A 74 18.67 -8.91 -27.28
C THR A 74 18.42 -7.95 -26.12
N SER A 75 19.28 -8.02 -25.12
CA SER A 75 19.32 -7.03 -24.04
C SER A 75 20.47 -6.06 -24.17
N ASP A 76 21.40 -6.29 -25.10
CA ASP A 76 22.54 -5.42 -25.36
C ASP A 76 22.11 -4.25 -26.23
N LYS A 77 21.96 -3.07 -25.62
CA LYS A 77 21.39 -1.91 -26.31
C LYS A 77 22.25 -0.66 -26.30
N ASP A 78 23.31 -0.59 -25.51
CA ASP A 78 24.03 0.66 -25.29
C ASP A 78 25.33 0.69 -26.07
N GLY A 79 25.55 1.80 -26.80
CA GLY A 79 26.83 2.04 -27.46
C GLY A 79 26.89 1.61 -28.91
N PRO A 80 27.91 2.10 -29.63
CA PRO A 80 28.00 1.82 -31.08
C PRO A 80 28.33 0.37 -31.41
N ASP A 81 28.89 -0.40 -30.48
CA ASP A 81 29.23 -1.80 -30.71
C ASP A 81 28.30 -2.76 -29.98
N SER A 82 27.13 -2.29 -29.56
CA SER A 82 26.12 -3.15 -28.99
C SER A 82 25.51 -4.04 -30.09
N VAL A 83 24.95 -5.17 -29.66
CA VAL A 83 24.15 -6.01 -30.56
C VAL A 83 23.07 -5.17 -31.24
N PHE A 84 22.39 -4.31 -30.45
CA PHE A 84 21.31 -3.50 -31.01
C PHE A 84 21.79 -2.67 -32.19
N GLU A 85 22.85 -1.87 -32.00
CA GLU A 85 23.32 -1.03 -33.09
C GLU A 85 23.87 -1.84 -34.27
N ARG A 86 24.37 -3.05 -34.02
CA ARG A 86 24.83 -3.91 -35.11
C ARG A 86 23.66 -4.37 -35.99
N GLU A 87 22.59 -4.82 -35.35
CA GLU A 87 21.45 -5.40 -36.07
C GLU A 87 20.52 -4.34 -36.63
N LEU A 88 20.71 -3.09 -36.22
CA LEU A 88 19.80 -2.01 -36.55
C LEU A 88 19.91 -1.58 -38.01
N VAL A 89 21.04 -1.84 -38.68
CA VAL A 89 21.26 -1.22 -39.97
C VAL A 89 20.28 -1.74 -41.02
N ASP A 90 19.80 -2.97 -40.90
CA ASP A 90 18.85 -3.50 -41.87
C ASP A 90 17.54 -3.95 -41.23
N ALA A 91 17.26 -3.50 -40.01
CA ALA A 91 16.01 -3.84 -39.35
C ALA A 91 14.83 -3.03 -39.90
N ASP A 92 13.71 -3.71 -40.14
CA ASP A 92 12.52 -2.99 -40.54
C ASP A 92 11.76 -2.44 -39.34
N VAL A 93 11.72 -3.19 -38.24
CA VAL A 93 10.97 -2.82 -37.05
C VAL A 93 11.90 -2.87 -35.85
N VAL A 94 11.78 -1.87 -34.98
CA VAL A 94 12.50 -1.84 -33.71
C VAL A 94 11.44 -1.76 -32.61
N ILE A 95 11.58 -2.62 -31.58
CA ILE A 95 10.67 -2.69 -30.44
C ILE A 95 11.51 -2.60 -29.18
N SER A 96 11.08 -1.77 -28.22
CA SER A 96 11.66 -1.84 -26.90
C SER A 96 10.65 -1.31 -25.89
N GLN A 97 10.89 -1.62 -24.61
CA GLN A 97 10.11 -1.13 -23.49
C GLN A 97 10.79 0.08 -22.88
N PRO A 98 10.04 1.02 -22.29
CA PRO A 98 10.68 2.10 -21.53
C PRO A 98 11.45 1.60 -20.31
N PHE A 99 11.24 0.36 -19.88
CA PHE A 99 11.98 -0.18 -18.74
C PHE A 99 13.37 -0.66 -19.11
N TRP A 100 13.69 -0.70 -20.40
CA TRP A 100 15.01 -1.00 -20.91
C TRP A 100 15.04 -0.49 -22.35
N PRO A 101 15.10 0.83 -22.54
CA PRO A 101 14.79 1.40 -23.86
C PRO A 101 16.00 1.46 -24.78
N ALA A 102 15.76 1.09 -26.04
CA ALA A 102 16.78 1.14 -27.08
C ALA A 102 16.65 2.48 -27.79
N TYR A 103 17.53 3.42 -27.46
CA TYR A 103 17.41 4.79 -27.95
C TYR A 103 17.58 4.88 -29.46
N LEU A 104 16.62 5.53 -30.12
CA LEU A 104 16.71 5.85 -31.54
C LEU A 104 17.08 7.33 -31.65
N THR A 105 18.38 7.60 -31.59
CA THR A 105 18.95 8.92 -31.79
C THR A 105 18.91 9.29 -33.27
N PRO A 106 19.11 10.57 -33.61
CA PRO A 106 19.22 10.93 -35.04
C PRO A 106 20.25 10.10 -35.79
N GLU A 107 21.44 9.93 -35.20
CA GLU A 107 22.52 9.21 -35.87
C GLU A 107 22.16 7.73 -36.04
N ARG A 108 21.51 7.14 -35.04
CA ARG A 108 21.09 5.75 -35.18
C ARG A 108 20.02 5.60 -36.26
N ILE A 109 19.03 6.51 -36.29
CA ILE A 109 18.00 6.44 -37.33
C ILE A 109 18.61 6.67 -38.71
N ALA A 110 19.64 7.53 -38.80
CA ALA A 110 20.33 7.71 -40.08
C ALA A 110 20.97 6.41 -40.56
N LYS A 111 21.50 5.61 -39.64
CA LYS A 111 22.15 4.35 -39.99
C LYS A 111 21.16 3.23 -40.25
N ALA A 112 19.89 3.39 -39.88
CA ALA A 112 18.89 2.32 -39.96
C ALA A 112 18.23 2.40 -41.33
N LYS A 113 18.85 1.73 -42.31
CA LYS A 113 18.47 1.94 -43.70
C LYS A 113 17.08 1.41 -44.01
N ASN A 114 16.62 0.37 -43.31
CA ASN A 114 15.32 -0.23 -43.60
C ASN A 114 14.25 0.09 -42.57
N LEU A 115 14.51 1.03 -41.66
CA LEU A 115 13.60 1.23 -40.53
C LEU A 115 12.27 1.82 -40.99
N LYS A 116 11.19 1.16 -40.65
CA LYS A 116 9.86 1.66 -40.99
C LYS A 116 8.94 1.83 -39.79
N LEU A 117 9.17 1.11 -38.70
CA LEU A 117 8.28 1.15 -37.54
C LEU A 117 9.12 1.11 -36.28
N ALA A 118 8.96 2.12 -35.43
CA ALA A 118 9.57 2.17 -34.11
C ALA A 118 8.45 1.97 -33.09
N LEU A 119 8.42 0.81 -32.45
CA LEU A 119 7.32 0.41 -31.60
C LEU A 119 7.75 0.48 -30.13
N THR A 120 6.94 1.12 -29.29
CA THR A 120 7.16 1.11 -27.84
C THR A 120 6.23 0.08 -27.22
N ALA A 121 6.82 -0.96 -26.63
CA ALA A 121 6.06 -1.97 -25.90
C ALA A 121 5.88 -1.42 -24.49
N GLY A 122 4.83 -0.62 -24.34
CA GLY A 122 4.61 0.16 -23.14
C GLY A 122 4.21 1.57 -23.49
N ILE A 123 4.45 2.52 -22.59
CA ILE A 123 4.01 3.90 -22.74
C ILE A 123 5.20 4.83 -22.54
N GLY A 124 5.46 5.67 -23.53
CA GLY A 124 6.49 6.67 -23.36
C GLY A 124 7.59 6.56 -24.38
N SER A 125 7.52 7.39 -25.43
CA SER A 125 8.47 7.31 -26.54
C SER A 125 9.58 8.34 -26.44
N ASP A 126 10.03 8.65 -25.22
CA ASP A 126 11.07 9.65 -25.06
C ASP A 126 12.43 9.19 -25.60
N HIS A 127 12.62 7.88 -25.77
CA HIS A 127 13.85 7.33 -26.34
C HIS A 127 13.93 7.46 -27.86
N VAL A 128 12.89 7.96 -28.54
CA VAL A 128 12.86 8.09 -29.99
C VAL A 128 12.86 9.56 -30.36
N ASP A 129 13.81 9.96 -31.22
CA ASP A 129 13.87 11.33 -31.76
C ASP A 129 12.78 11.47 -32.82
N LEU A 130 11.71 12.19 -32.48
CA LEU A 130 10.53 12.21 -33.35
C LEU A 130 10.76 13.01 -34.62
N GLN A 131 11.60 14.04 -34.58
CA GLN A 131 11.87 14.82 -35.78
C GLN A 131 12.57 13.95 -36.83
N SER A 132 13.48 13.09 -36.41
CA SER A 132 14.15 12.17 -37.34
C SER A 132 13.17 11.16 -37.91
N ALA A 133 12.24 10.68 -37.07
CA ALA A 133 11.20 9.77 -37.55
C ALA A 133 10.30 10.46 -38.56
N ILE A 134 9.93 11.71 -38.28
CA ILE A 134 9.11 12.49 -39.21
C ILE A 134 9.84 12.64 -40.54
N ASP A 135 11.09 13.12 -40.49
CA ASP A 135 11.87 13.34 -41.72
C ASP A 135 12.04 12.07 -42.53
N ARG A 136 12.24 10.93 -41.85
CA ARG A 136 12.58 9.69 -42.52
C ARG A 136 11.37 8.80 -42.77
N ASN A 137 10.17 9.28 -42.47
CA ASN A 137 8.93 8.54 -42.76
C ASN A 137 8.84 7.22 -41.99
N VAL A 138 9.32 7.23 -40.75
CA VAL A 138 9.23 6.08 -39.84
C VAL A 138 7.98 6.26 -38.99
N THR A 139 7.15 5.22 -38.90
CA THR A 139 6.02 5.23 -37.99
C THR A 139 6.50 5.00 -36.55
N VAL A 140 5.96 5.79 -35.62
CA VAL A 140 6.22 5.63 -34.19
C VAL A 140 4.88 5.36 -33.49
N ALA A 141 4.81 4.24 -32.76
CA ALA A 141 3.59 3.84 -32.09
C ALA A 141 3.91 3.31 -30.69
N GLU A 142 2.88 3.26 -29.83
CA GLU A 142 3.02 2.77 -28.48
C GLU A 142 1.69 2.20 -28.03
N VAL A 143 1.72 1.36 -27.01
CA VAL A 143 0.52 0.64 -26.58
C VAL A 143 -0.14 1.52 -25.52
N THR A 144 -0.83 2.56 -26.01
CA THR A 144 -1.46 3.55 -25.15
C THR A 144 -2.33 2.90 -24.07
N TYR A 145 -2.19 3.42 -22.85
CA TYR A 145 -3.01 3.07 -21.69
C TYR A 145 -2.66 1.71 -21.08
N CYS A 146 -1.67 0.99 -21.61
CA CYS A 146 -1.46 -0.41 -21.20
C CYS A 146 -1.11 -0.56 -19.73
N ASN A 147 -0.47 0.46 -19.11
CA ASN A 147 -0.03 0.30 -17.73
C ASN A 147 -0.35 1.52 -16.84
N SER A 148 -1.29 2.38 -17.25
CA SER A 148 -1.62 3.55 -16.44
C SER A 148 -2.23 3.15 -15.10
N ILE A 149 -3.10 2.15 -15.11
CA ILE A 149 -3.70 1.68 -13.87
C ILE A 149 -2.64 1.01 -12.98
N SER A 150 -1.69 0.27 -13.59
CA SER A 150 -0.63 -0.37 -12.81
C SER A 150 0.16 0.67 -12.01
N VAL A 151 0.55 1.76 -12.67
CA VAL A 151 1.31 2.82 -12.01
C VAL A 151 0.46 3.50 -10.94
N ALA A 152 -0.83 3.73 -11.23
CA ALA A 152 -1.73 4.34 -10.23
C ALA A 152 -1.78 3.53 -8.96
N GLU A 153 -1.98 2.21 -9.09
CA GLU A 153 -1.93 1.30 -7.95
C GLU A 153 -0.63 1.45 -7.16
N HIS A 154 0.50 1.42 -7.87
CA HIS A 154 1.81 1.57 -7.23
C HIS A 154 1.89 2.87 -6.44
N VAL A 155 1.29 3.95 -6.96
CA VAL A 155 1.35 5.24 -6.28
C VAL A 155 0.61 5.19 -4.95
N VAL A 156 -0.66 4.74 -4.96
CA VAL A 156 -1.44 4.72 -3.72
C VAL A 156 -0.79 3.79 -2.70
N MET A 157 -0.24 2.66 -3.17
CA MET A 157 0.48 1.73 -2.31
C MET A 157 1.66 2.40 -1.62
N MET A 158 2.41 3.22 -2.37
CA MET A 158 3.55 3.93 -1.80
C MET A 158 3.09 5.02 -0.84
N ILE A 159 2.01 5.74 -1.18
CA ILE A 159 1.46 6.74 -0.27
C ILE A 159 1.14 6.12 1.08
N LEU A 160 0.38 5.02 1.06
CA LEU A 160 0.00 4.36 2.31
C LEU A 160 1.24 3.89 3.07
N SER A 161 2.24 3.39 2.34
CA SER A 161 3.36 2.73 2.99
C SER A 161 4.29 3.75 3.67
N LEU A 162 4.52 4.90 3.00
CA LEU A 162 5.29 5.99 3.60
C LEU A 162 4.57 6.58 4.81
N VAL A 163 3.27 6.89 4.65
CA VAL A 163 2.54 7.58 5.72
C VAL A 163 2.44 6.69 6.96
N ARG A 164 2.20 5.39 6.76
CA ARG A 164 2.05 4.44 7.86
C ARG A 164 3.37 3.79 8.27
N ASN A 165 4.49 4.15 7.63
CA ASN A 165 5.81 3.63 8.02
C ASN A 165 5.90 2.11 7.87
N TYR A 166 5.30 1.61 6.80
CA TYR A 166 5.23 0.17 6.55
C TYR A 166 6.61 -0.47 6.50
N LEU A 167 7.52 0.09 5.68
CA LEU A 167 8.74 -0.64 5.35
C LEU A 167 9.65 -0.84 6.55
N PRO A 168 9.93 0.18 7.38
CA PRO A 168 10.68 -0.11 8.62
C PRO A 168 9.94 -1.05 9.56
N SER A 169 8.61 -0.99 9.60
CA SER A 169 7.86 -1.88 10.49
C SER A 169 8.02 -3.32 10.07
N HIS A 170 7.93 -3.60 8.76
CA HIS A 170 8.12 -4.95 8.24
C HIS A 170 9.54 -5.44 8.52
N GLU A 171 10.53 -4.56 8.45
CA GLU A 171 11.90 -4.95 8.74
C GLU A 171 12.05 -5.39 10.20
N TRP A 172 11.41 -4.68 11.15
CA TRP A 172 11.40 -5.14 12.55
C TRP A 172 10.84 -6.55 12.66
N ALA A 173 9.73 -6.85 11.96
CA ALA A 173 9.16 -8.18 12.03
C ALA A 173 10.07 -9.22 11.40
N ARG A 174 10.69 -8.88 10.25
CA ARG A 174 11.49 -9.85 9.54
C ARG A 174 12.76 -10.20 10.31
N LYS A 175 13.37 -9.21 10.96
CA LYS A 175 14.63 -9.36 11.65
C LYS A 175 14.48 -9.89 13.08
N GLY A 176 13.27 -10.26 13.49
CA GLY A 176 13.08 -10.88 14.79
C GLY A 176 12.72 -9.95 15.93
N GLY A 177 12.44 -8.68 15.65
CA GLY A 177 12.07 -7.73 16.68
C GLY A 177 10.56 -7.64 16.89
N TRP A 178 10.16 -6.57 17.57
CA TRP A 178 8.75 -6.28 17.87
C TRP A 178 8.60 -4.76 17.92
N ASN A 179 9.13 -4.11 18.96
CA ASN A 179 9.56 -2.71 18.85
C ASN A 179 8.42 -1.80 18.40
N ILE A 180 7.30 -1.87 19.11
CA ILE A 180 6.09 -1.16 18.69
C ILE A 180 6.35 0.33 18.59
N ALA A 181 6.97 0.91 19.62
CA ALA A 181 7.20 2.35 19.62
C ALA A 181 8.16 2.76 18.51
N ASP A 182 9.08 1.87 18.13
CA ASP A 182 9.99 2.17 17.04
C ASP A 182 9.25 2.22 15.70
N CYS A 183 8.23 1.37 15.52
CA CYS A 183 7.46 1.36 14.28
C CYS A 183 6.61 2.61 14.16
N VAL A 184 5.88 2.95 15.23
CA VAL A 184 4.81 3.95 15.13
C VAL A 184 5.25 5.36 15.50
N SER A 185 6.48 5.54 15.99
CA SER A 185 7.02 6.87 16.22
C SER A 185 7.00 7.74 14.95
N HIS A 186 6.80 7.13 13.78
CA HIS A 186 6.81 7.81 12.48
C HIS A 186 5.60 7.38 11.66
N ALA A 187 4.58 6.83 12.30
CA ALA A 187 3.42 6.28 11.61
C ALA A 187 2.18 7.13 11.88
N TYR A 188 1.47 7.46 10.82
CA TYR A 188 0.25 8.23 10.88
C TYR A 188 -0.81 7.53 10.05
N ASP A 189 -2.04 7.95 10.23
CA ASP A 189 -3.11 7.60 9.33
C ASP A 189 -3.10 8.55 8.14
N LEU A 190 -3.56 8.05 7.00
CA LEU A 190 -3.73 8.92 5.83
C LEU A 190 -5.01 9.73 5.89
N GLU A 191 -5.98 9.32 6.72
CA GLU A 191 -7.31 9.90 6.70
C GLU A 191 -7.27 11.41 6.93
N ALA A 192 -8.04 12.16 6.11
CA ALA A 192 -8.20 13.61 6.18
C ALA A 192 -6.93 14.38 5.84
N MET A 193 -5.87 13.71 5.41
CA MET A 193 -4.73 14.46 4.88
C MET A 193 -5.10 15.13 3.57
N HIS A 194 -4.35 16.17 3.24
CA HIS A 194 -4.45 16.86 1.97
C HIS A 194 -3.46 16.24 1.00
N VAL A 195 -3.95 15.82 -0.17
CA VAL A 195 -3.16 15.04 -1.12
C VAL A 195 -3.33 15.67 -2.50
N GLY A 196 -2.22 16.05 -3.13
CA GLY A 196 -2.25 16.67 -4.44
C GLY A 196 -1.48 15.85 -5.47
N THR A 197 -1.96 15.87 -6.72
CA THR A 197 -1.21 15.33 -7.84
C THR A 197 -0.78 16.47 -8.78
N VAL A 198 0.46 16.40 -9.28
CA VAL A 198 0.92 17.53 -10.07
C VAL A 198 0.32 17.57 -11.48
N ALA A 199 -0.14 16.46 -12.07
CA ALA A 199 -0.71 16.58 -13.41
C ALA A 199 -2.19 16.21 -13.49
N ALA A 200 -2.58 14.95 -13.28
CA ALA A 200 -3.96 14.48 -13.48
C ALA A 200 -4.32 14.15 -14.93
N GLY A 201 -3.43 13.49 -15.66
CA GLY A 201 -3.82 12.78 -16.85
C GLY A 201 -4.26 11.37 -16.52
N ARG A 202 -3.86 10.38 -17.33
CA ARG A 202 -4.38 9.04 -17.13
C ARG A 202 -4.00 8.48 -15.75
N ILE A 203 -2.73 8.62 -15.37
CA ILE A 203 -2.30 8.13 -14.06
C ILE A 203 -2.81 9.04 -12.95
N GLY A 204 -2.66 10.36 -13.12
CA GLY A 204 -3.06 11.31 -12.09
C GLY A 204 -4.53 11.18 -11.71
N LEU A 205 -5.41 11.07 -12.71
CA LEU A 205 -6.83 10.88 -12.46
C LEU A 205 -7.12 9.54 -11.80
N ALA A 206 -6.49 8.46 -12.26
CA ALA A 206 -6.73 7.16 -11.67
C ALA A 206 -6.25 7.13 -10.23
N VAL A 207 -5.19 7.87 -9.91
CA VAL A 207 -4.73 8.00 -8.52
C VAL A 207 -5.78 8.75 -7.70
N LEU A 208 -6.32 9.86 -8.24
CA LEU A 208 -7.31 10.64 -7.52
C LEU A 208 -8.56 9.82 -7.20
N ARG A 209 -9.03 9.02 -8.16
CA ARG A 209 -10.19 8.18 -7.91
C ARG A 209 -9.92 7.18 -6.78
N ARG A 210 -8.72 6.60 -6.77
CA ARG A 210 -8.40 5.60 -5.76
C ARG A 210 -8.19 6.22 -4.38
N LEU A 211 -7.77 7.49 -4.31
CA LEU A 211 -7.58 8.13 -3.02
C LEU A 211 -8.89 8.59 -2.39
N ALA A 212 -9.89 8.93 -3.21
CA ALA A 212 -11.11 9.56 -2.71
C ALA A 212 -11.77 8.84 -1.54
N PRO A 213 -11.99 7.51 -1.57
CA PRO A 213 -12.67 6.88 -0.42
C PRO A 213 -11.80 6.81 0.83
N PHE A 214 -10.54 7.25 0.79
CA PHE A 214 -9.74 7.35 2.00
C PHE A 214 -10.04 8.60 2.79
N ASP A 215 -10.98 9.43 2.30
CA ASP A 215 -11.40 10.65 2.96
C ASP A 215 -10.26 11.65 3.08
N VAL A 216 -9.41 11.67 2.07
CA VAL A 216 -8.42 12.71 1.94
C VAL A 216 -9.05 13.91 1.22
N HIS A 217 -8.43 15.07 1.37
CA HIS A 217 -8.82 16.26 0.62
C HIS A 217 -7.94 16.37 -0.62
N LEU A 218 -8.56 16.30 -1.79
CA LEU A 218 -7.84 16.15 -3.06
C LEU A 218 -7.53 17.49 -3.70
N HIS A 219 -6.29 17.62 -4.18
CA HIS A 219 -5.80 18.78 -4.90
C HIS A 219 -5.15 18.33 -6.20
N TYR A 220 -5.13 19.23 -7.18
CA TYR A 220 -4.38 18.94 -8.39
C TYR A 220 -4.02 20.25 -9.06
N THR A 221 -2.97 20.18 -9.85
CA THR A 221 -2.61 21.22 -10.79
C THR A 221 -2.39 20.55 -12.14
N ASP A 222 -2.42 21.35 -13.19
CA ASP A 222 -2.25 20.84 -14.55
C ASP A 222 -2.28 22.03 -15.50
N ARG A 223 -1.71 21.86 -16.69
CA ARG A 223 -1.81 22.93 -17.67
C ARG A 223 -3.25 23.14 -18.12
N HIS A 224 -4.05 22.07 -18.17
CA HIS A 224 -5.44 22.12 -18.62
C HIS A 224 -6.35 21.59 -17.51
N ARG A 225 -7.14 22.49 -16.92
CA ARG A 225 -8.15 22.11 -15.93
C ARG A 225 -8.99 20.93 -16.41
N LEU A 226 -9.44 20.13 -15.45
CA LEU A 226 -10.38 19.05 -15.70
C LEU A 226 -11.79 19.61 -15.91
N PRO A 227 -12.66 18.87 -16.61
CA PRO A 227 -14.08 19.25 -16.63
C PRO A 227 -14.58 19.34 -15.20
N GLU A 228 -15.05 20.52 -14.82
CA GLU A 228 -15.45 20.67 -13.42
C GLU A 228 -16.60 19.73 -13.03
N SER A 229 -17.23 19.09 -14.01
CA SER A 229 -18.00 17.88 -13.71
C SER A 229 -17.14 16.86 -12.97
N VAL A 230 -15.90 16.65 -13.42
CA VAL A 230 -14.97 15.77 -12.73
C VAL A 230 -14.51 16.40 -11.41
N GLU A 231 -14.25 17.71 -11.42
CA GLU A 231 -13.88 18.40 -10.18
C GLU A 231 -14.96 18.24 -9.12
N LYS A 232 -16.24 18.32 -9.51
CA LYS A 232 -17.31 18.23 -8.52
C LYS A 232 -17.43 16.82 -7.94
N GLU A 233 -17.26 15.79 -8.78
CA GLU A 233 -17.44 14.43 -8.29
C GLU A 233 -16.35 14.00 -7.30
N LEU A 234 -15.11 14.42 -7.53
CA LEU A 234 -14.03 14.05 -6.62
C LEU A 234 -13.71 15.15 -5.60
N ASN A 235 -14.48 16.23 -5.58
CA ASN A 235 -14.28 17.37 -4.67
C ASN A 235 -12.83 17.85 -4.71
N LEU A 236 -12.40 18.24 -5.91
CA LEU A 236 -11.04 18.64 -6.18
C LEU A 236 -10.82 20.12 -5.94
N THR A 237 -9.70 20.47 -5.32
CA THR A 237 -9.23 21.84 -5.28
C THR A 237 -8.19 22.05 -6.39
N TRP A 238 -8.49 22.98 -7.28
CA TRP A 238 -7.62 23.33 -8.41
C TRP A 238 -6.57 24.34 -8.01
N HIS A 239 -5.34 24.13 -8.45
CA HIS A 239 -4.28 25.12 -8.29
C HIS A 239 -3.70 25.43 -9.66
N ALA A 240 -3.69 26.72 -10.02
CA ALA A 240 -3.20 27.13 -11.34
C ALA A 240 -1.71 26.87 -11.51
N THR A 241 -0.93 26.97 -10.43
CA THR A 241 0.50 26.72 -10.47
C THR A 241 0.88 25.62 -9.49
N ARG A 242 1.95 24.91 -9.81
CA ARG A 242 2.45 23.87 -8.92
C ARG A 242 2.89 24.44 -7.58
N GLU A 243 3.61 25.56 -7.60
CA GLU A 243 4.16 26.09 -6.36
C GLU A 243 3.07 26.53 -5.38
N ASP A 244 1.86 26.78 -5.86
CA ASP A 244 0.75 27.07 -4.97
C ASP A 244 0.25 25.83 -4.25
N MET A 245 0.31 24.66 -4.90
CA MET A 245 -0.27 23.43 -4.36
C MET A 245 0.59 22.79 -3.27
N TYR A 246 1.92 22.77 -3.45
CA TYR A 246 2.81 22.16 -2.46
C TYR A 246 2.54 22.58 -1.03
N PRO A 247 2.42 23.88 -0.69
CA PRO A 247 2.37 24.26 0.73
C PRO A 247 1.16 23.73 1.48
N VAL A 248 0.05 23.46 0.80
CA VAL A 248 -1.16 23.02 1.46
C VAL A 248 -1.32 21.50 1.45
N CYS A 249 -0.37 20.77 0.88
CA CYS A 249 -0.48 19.33 0.74
C CYS A 249 0.32 18.59 1.80
N ASP A 250 -0.32 17.57 2.38
CA ASP A 250 0.41 16.60 3.19
C ASP A 250 1.16 15.61 2.33
N VAL A 251 0.61 15.30 1.15
CA VAL A 251 1.21 14.33 0.22
C VAL A 251 1.15 14.93 -1.18
N VAL A 252 2.24 14.78 -1.94
CA VAL A 252 2.27 15.19 -3.33
C VAL A 252 2.81 14.05 -4.17
N THR A 253 2.06 13.68 -5.20
CA THR A 253 2.47 12.67 -6.16
C THR A 253 2.72 13.34 -7.51
N LEU A 254 3.84 13.02 -8.16
CA LEU A 254 4.20 13.58 -9.44
C LEU A 254 3.74 12.64 -10.53
N ASN A 255 2.92 13.15 -11.44
CA ASN A 255 2.40 12.35 -12.54
C ASN A 255 2.47 13.16 -13.84
N ILE A 256 3.59 13.85 -14.02
CA ILE A 256 3.81 14.83 -15.08
C ILE A 256 4.94 14.35 -15.97
N PRO A 257 4.91 14.63 -17.28
CA PRO A 257 6.05 14.24 -18.14
C PRO A 257 7.28 15.10 -17.91
N LEU A 258 8.44 14.52 -18.18
CA LEU A 258 9.71 15.22 -18.04
C LEU A 258 10.03 15.93 -19.35
N HIS A 259 10.21 17.25 -19.28
CA HIS A 259 10.78 17.98 -20.40
C HIS A 259 11.48 19.20 -19.79
N PRO A 260 12.17 20.04 -20.57
CA PRO A 260 13.03 21.07 -19.96
C PRO A 260 12.32 21.91 -18.91
N PRO A 261 11.04 22.30 -19.10
CA PRO A 261 10.40 23.12 -18.03
C PRO A 261 10.12 22.36 -16.73
N THR A 262 10.09 21.03 -16.74
CA THR A 262 9.84 20.28 -15.50
C THR A 262 11.09 19.63 -14.93
N GLU A 263 12.23 19.74 -15.62
CA GLU A 263 13.45 19.09 -15.14
C GLU A 263 13.90 19.74 -13.82
N HIS A 264 14.14 18.90 -12.82
CA HIS A 264 14.50 19.35 -11.46
C HIS A 264 13.49 20.35 -10.91
N MET A 265 12.20 20.14 -11.23
CA MET A 265 11.16 20.98 -10.65
C MET A 265 11.07 20.82 -9.13
N ILE A 266 11.53 19.69 -8.60
CA ILE A 266 11.65 19.50 -7.15
C ILE A 266 13.13 19.68 -6.82
N ASN A 267 13.46 20.80 -6.18
CA ASN A 267 14.85 21.18 -5.94
C ASN A 267 14.93 21.82 -4.56
N ASP A 268 16.14 22.26 -4.19
CA ASP A 268 16.30 22.82 -2.84
C ASP A 268 15.36 24.00 -2.62
N GLU A 269 15.21 24.83 -3.65
CA GLU A 269 14.34 26.00 -3.54
C GLU A 269 12.87 25.60 -3.42
N THR A 270 12.37 24.72 -4.28
CA THR A 270 10.94 24.42 -4.23
C THR A 270 10.57 23.48 -3.08
N LEU A 271 11.54 22.72 -2.55
CA LEU A 271 11.25 21.91 -1.37
C LEU A 271 11.02 22.76 -0.13
N LYS A 272 11.44 24.01 -0.13
CA LYS A 272 11.13 24.84 1.02
C LYS A 272 9.71 25.37 0.99
N LEU A 273 8.98 25.16 -0.11
CA LEU A 273 7.56 25.45 -0.15
C LEU A 273 6.70 24.33 0.42
N PHE A 274 7.28 23.19 0.79
CA PHE A 274 6.51 22.07 1.32
C PHE A 274 6.36 22.17 2.83
N LYS A 275 5.19 21.77 3.32
CA LYS A 275 4.97 21.60 4.74
C LYS A 275 6.02 20.66 5.32
N ARG A 276 6.51 20.97 6.51
CA ARG A 276 7.46 20.10 7.17
C ARG A 276 6.82 18.72 7.39
N GLY A 277 7.57 17.67 7.04
CA GLY A 277 7.00 16.34 7.10
C GLY A 277 6.10 15.96 5.94
N ALA A 278 6.22 16.64 4.80
CA ALA A 278 5.45 16.22 3.63
C ALA A 278 5.98 14.90 3.08
N TYR A 279 5.16 14.26 2.25
CA TYR A 279 5.51 13.04 1.55
C TYR A 279 5.39 13.28 0.05
N ILE A 280 6.39 12.79 -0.69
CA ILE A 280 6.41 12.87 -2.15
C ILE A 280 6.45 11.45 -2.70
N VAL A 281 5.61 11.18 -3.69
CA VAL A 281 5.68 9.93 -4.44
C VAL A 281 5.90 10.30 -5.90
N ASN A 282 6.90 9.69 -6.53
CA ASN A 282 7.29 10.03 -7.91
C ASN A 282 7.45 8.73 -8.69
N THR A 283 6.41 8.35 -9.43
CA THR A 283 6.48 7.26 -10.40
C THR A 283 6.54 7.79 -11.82
N ALA A 284 6.90 9.07 -11.99
CA ALA A 284 6.88 9.70 -13.30
C ALA A 284 8.24 9.59 -13.99
N ARG A 285 9.17 10.50 -13.67
CA ARG A 285 10.55 10.42 -14.14
C ARG A 285 11.51 10.81 -13.03
N GLY A 286 12.65 10.11 -12.95
CA GLY A 286 13.62 10.39 -11.90
C GLY A 286 14.07 11.84 -11.87
N LYS A 287 14.29 12.43 -13.05
CA LYS A 287 14.91 13.75 -13.15
C LYS A 287 13.93 14.89 -12.94
N LEU A 288 12.66 14.59 -12.64
CA LEU A 288 11.79 15.62 -12.08
C LEU A 288 12.32 16.13 -10.75
N CYS A 289 13.10 15.33 -10.03
CA CYS A 289 13.56 15.68 -8.70
C CYS A 289 15.08 15.77 -8.71
N ASP A 290 15.63 16.85 -8.17
CA ASP A 290 17.06 16.94 -7.90
C ASP A 290 17.44 15.85 -6.91
N ARG A 291 18.33 14.94 -7.32
CA ARG A 291 18.63 13.78 -6.50
C ARG A 291 19.08 14.16 -5.09
N ASP A 292 19.98 15.13 -4.98
CA ASP A 292 20.53 15.47 -3.67
C ASP A 292 19.65 16.41 -2.87
N ALA A 293 18.77 17.19 -3.52
CA ALA A 293 17.81 18.00 -2.78
C ALA A 293 16.83 17.11 -2.02
N VAL A 294 16.36 16.04 -2.66
CA VAL A 294 15.49 15.06 -2.00
C VAL A 294 16.24 14.40 -0.84
N ALA A 295 17.45 13.91 -1.11
CA ALA A 295 18.24 13.28 -0.04
C ALA A 295 18.45 14.24 1.13
N ARG A 296 18.74 15.52 0.86
CA ARG A 296 18.87 16.49 1.95
C ARG A 296 17.56 16.65 2.71
N ALA A 297 16.42 16.62 1.99
CA ALA A 297 15.13 16.90 2.62
C ALA A 297 14.74 15.81 3.62
N LEU A 298 15.07 14.56 3.31
CA LEU A 298 14.74 13.46 4.21
C LEU A 298 15.68 13.39 5.42
N GLU A 299 16.97 13.70 5.23
CA GLU A 299 17.86 13.75 6.38
C GLU A 299 17.48 14.90 7.32
N SER A 300 17.03 16.03 6.78
CA SER A 300 16.65 17.16 7.63
C SER A 300 15.24 17.04 8.19
N GLY A 301 14.40 16.16 7.63
CA GLY A 301 13.01 16.06 8.05
C GLY A 301 12.05 16.99 7.33
N ARG A 302 12.53 17.76 6.34
CA ARG A 302 11.60 18.56 5.55
C ARG A 302 10.56 17.66 4.88
N LEU A 303 10.98 16.50 4.39
CA LEU A 303 10.08 15.43 3.97
C LEU A 303 10.07 14.36 5.04
N ALA A 304 8.93 13.69 5.22
CA ALA A 304 8.87 12.57 6.14
C ALA A 304 8.88 11.23 5.42
N GLY A 305 8.94 11.24 4.10
CA GLY A 305 9.03 10.05 3.28
C GLY A 305 9.17 10.42 1.82
N TYR A 306 9.86 9.60 1.05
CA TYR A 306 9.89 9.72 -0.40
C TYR A 306 9.88 8.32 -0.99
N ALA A 307 9.03 8.09 -1.99
CA ALA A 307 8.95 6.80 -2.64
C ALA A 307 8.74 6.97 -4.15
N GLY A 308 9.26 6.01 -4.91
CA GLY A 308 9.04 6.00 -6.34
C GLY A 308 9.73 4.80 -6.94
N ASP A 309 9.54 4.63 -8.25
CA ASP A 309 10.26 3.60 -9.00
C ASP A 309 11.12 4.18 -10.10
N VAL A 310 11.28 5.52 -10.17
CA VAL A 310 12.04 6.18 -11.21
C VAL A 310 13.24 6.87 -10.60
N TRP A 311 14.35 6.89 -11.34
CA TRP A 311 15.64 7.28 -10.80
C TRP A 311 16.42 8.03 -11.87
N PHE A 312 17.44 8.78 -11.44
CA PHE A 312 18.41 9.31 -12.40
C PHE A 312 19.83 9.16 -11.84
N PRO A 313 20.77 8.61 -12.60
CA PRO A 313 20.54 7.95 -13.89
C PRO A 313 19.83 6.59 -13.71
N GLN A 314 19.40 5.98 -14.82
CA GLN A 314 18.69 4.71 -14.78
C GLN A 314 19.36 3.75 -15.77
N PRO A 315 19.69 2.52 -15.33
CA PRO A 315 19.50 1.97 -13.98
C PRO A 315 20.31 2.69 -12.89
N ALA A 316 19.78 2.74 -11.68
CA ALA A 316 20.42 3.50 -10.63
C ALA A 316 21.77 2.90 -10.26
N PRO A 317 22.83 3.70 -10.15
CA PRO A 317 24.10 3.15 -9.69
C PRO A 317 23.92 2.51 -8.32
N LYS A 318 24.86 1.63 -7.99
CA LYS A 318 24.75 0.80 -6.79
C LYS A 318 24.72 1.64 -5.51
N ASP A 319 25.44 2.77 -5.48
CA ASP A 319 25.52 3.61 -4.29
C ASP A 319 24.54 4.78 -4.33
N HIS A 320 23.59 4.78 -5.28
CA HIS A 320 22.63 5.87 -5.40
C HIS A 320 21.99 6.15 -4.04
N PRO A 321 21.91 7.41 -3.62
CA PRO A 321 21.47 7.72 -2.23
C PRO A 321 20.02 7.40 -1.94
N TRP A 322 19.15 7.40 -2.96
CA TRP A 322 17.75 7.10 -2.69
C TRP A 322 17.54 5.66 -2.23
N ARG A 323 18.52 4.79 -2.48
CA ARG A 323 18.42 3.41 -2.03
C ARG A 323 18.40 3.28 -0.52
N THR A 324 19.16 4.13 0.19
CA THR A 324 19.34 3.96 1.61
C THR A 324 19.01 5.20 2.44
N MET A 325 18.59 6.31 1.82
CA MET A 325 18.24 7.48 2.61
C MET A 325 17.09 7.17 3.60
N PRO A 326 16.97 7.96 4.67
CA PRO A 326 15.92 7.69 5.67
C PRO A 326 14.54 7.79 5.04
N TYR A 327 13.67 6.85 5.42
CA TYR A 327 12.24 6.87 5.06
C TYR A 327 12.01 6.90 3.54
N ASN A 328 12.80 6.13 2.80
CA ASN A 328 12.51 5.95 1.39
C ASN A 328 11.66 4.69 1.18
N GLY A 329 10.83 4.73 0.15
CA GLY A 329 10.10 3.54 -0.24
C GLY A 329 10.38 3.10 -1.66
N MET A 330 11.64 3.15 -2.10
CA MET A 330 11.93 2.97 -3.52
C MET A 330 11.74 1.53 -3.95
N THR A 331 11.35 1.36 -5.20
CA THR A 331 11.57 0.11 -5.93
C THR A 331 12.38 0.43 -7.19
N PRO A 332 12.99 -0.57 -7.82
CA PRO A 332 13.51 -0.38 -9.17
C PRO A 332 12.36 -0.04 -10.11
N HIS A 333 12.73 0.31 -11.34
CA HIS A 333 11.75 0.78 -12.31
C HIS A 333 10.86 -0.35 -12.82
N ILE A 334 9.73 -0.61 -12.16
CA ILE A 334 8.98 -1.84 -12.37
C ILE A 334 7.47 -1.63 -12.47
N SER A 335 6.98 -0.44 -12.10
CA SER A 335 5.56 -0.31 -11.79
C SER A 335 4.67 -0.56 -13.01
N GLY A 336 5.12 -0.20 -14.21
CA GLY A 336 4.37 -0.50 -15.40
C GLY A 336 4.71 -1.79 -16.12
N THR A 337 5.48 -2.68 -15.49
CA THR A 337 5.81 -3.97 -16.09
C THR A 337 5.51 -5.10 -15.10
N THR A 338 4.38 -5.00 -14.39
CA THR A 338 3.78 -6.15 -13.75
C THR A 338 3.45 -7.18 -14.81
N LEU A 339 3.28 -8.44 -14.39
CA LEU A 339 2.90 -9.46 -15.34
C LEU A 339 1.58 -9.10 -16.02
N THR A 340 0.67 -8.45 -15.28
CA THR A 340 -0.59 -7.98 -15.86
C THR A 340 -0.35 -6.98 -16.98
N ALA A 341 0.45 -5.94 -16.72
CA ALA A 341 0.68 -4.94 -17.75
C ALA A 341 1.38 -5.55 -18.96
N GLN A 342 2.35 -6.43 -18.71
CA GLN A 342 3.09 -7.09 -19.79
C GLN A 342 2.16 -7.83 -20.74
N ALA A 343 1.13 -8.48 -20.20
CA ALA A 343 0.19 -9.19 -21.06
C ALA A 343 -0.55 -8.23 -21.98
N ARG A 344 -0.93 -7.07 -21.45
CA ARG A 344 -1.62 -6.09 -22.28
C ARG A 344 -0.72 -5.50 -23.36
N TYR A 345 0.53 -5.15 -23.02
CA TYR A 345 1.33 -4.49 -24.05
C TYR A 345 2.05 -5.45 -24.98
N ALA A 346 2.26 -6.71 -24.58
CA ALA A 346 2.69 -7.71 -25.56
C ALA A 346 1.59 -7.96 -26.58
N ALA A 347 0.34 -8.05 -26.11
CA ALA A 347 -0.81 -8.16 -27.02
C ALA A 347 -0.92 -6.93 -27.91
N GLY A 348 -0.78 -5.73 -27.32
CA GLY A 348 -0.79 -4.53 -28.13
C GLY A 348 0.32 -4.50 -29.16
N THR A 349 1.53 -4.93 -28.77
CA THR A 349 2.62 -5.02 -29.73
C THR A 349 2.24 -5.91 -30.90
N ARG A 350 1.68 -7.08 -30.63
CA ARG A 350 1.31 -7.99 -31.72
C ARG A 350 0.21 -7.38 -32.59
N GLU A 351 -0.75 -6.69 -31.96
CA GLU A 351 -1.81 -6.05 -32.72
C GLU A 351 -1.24 -5.03 -33.70
N ILE A 352 -0.29 -4.21 -33.24
CA ILE A 352 0.30 -3.19 -34.12
C ILE A 352 1.10 -3.85 -35.24
N LEU A 353 1.91 -4.85 -34.91
CA LEU A 353 2.67 -5.57 -35.93
C LEU A 353 1.77 -6.20 -36.98
N GLU A 354 0.68 -6.84 -36.55
CA GLU A 354 -0.23 -7.47 -37.51
C GLU A 354 -0.81 -6.43 -38.46
N CYS A 355 -1.24 -5.28 -37.92
CA CYS A 355 -1.75 -4.19 -38.76
C CYS A 355 -0.67 -3.72 -39.72
N PHE A 356 0.55 -3.54 -39.22
CA PHE A 356 1.62 -2.98 -40.03
C PHE A 356 1.99 -3.91 -41.18
N PHE A 357 2.14 -5.20 -40.90
CA PHE A 357 2.54 -6.13 -41.95
C PHE A 357 1.41 -6.41 -42.93
N GLU A 358 0.16 -6.30 -42.48
CA GLU A 358 -0.97 -6.53 -43.35
C GLU A 358 -1.46 -5.27 -44.03
N GLY A 359 -0.83 -4.12 -43.77
CA GLY A 359 -1.26 -2.87 -44.36
C GLY A 359 -2.59 -2.34 -43.89
N ARG A 360 -3.08 -2.76 -42.69
CA ARG A 360 -4.29 -2.23 -42.08
C ARG A 360 -3.95 -1.05 -41.18
N PRO A 361 -4.90 -0.15 -40.94
CA PRO A 361 -4.60 1.03 -40.10
C PRO A 361 -4.27 0.63 -38.66
N ILE A 362 -3.18 1.19 -38.17
CA ILE A 362 -2.88 1.12 -36.74
C ILE A 362 -3.83 2.04 -35.99
N ARG A 363 -4.33 1.57 -34.85
CA ARG A 363 -5.23 2.35 -34.02
C ARG A 363 -4.70 3.77 -33.83
N ASP A 364 -5.57 4.75 -34.06
CA ASP A 364 -5.19 6.14 -33.92
C ASP A 364 -4.69 6.46 -32.52
N GLU A 365 -5.25 5.81 -31.49
CA GLU A 365 -4.77 6.09 -30.13
C GLU A 365 -3.37 5.53 -29.88
N TYR A 366 -2.92 4.58 -30.71
CA TYR A 366 -1.55 4.06 -30.62
C TYR A 366 -0.53 4.97 -31.27
N LEU A 367 -0.93 5.84 -32.19
CA LEU A 367 0.03 6.51 -33.05
C LEU A 367 0.65 7.73 -32.39
N ILE A 368 1.94 7.94 -32.67
CA ILE A 368 2.65 9.16 -32.32
C ILE A 368 3.14 9.89 -33.55
N VAL A 369 3.69 9.16 -34.54
CA VAL A 369 4.19 9.71 -35.79
C VAL A 369 3.81 8.76 -36.92
N GLN A 370 3.25 9.32 -38.01
CA GLN A 370 3.04 8.61 -39.27
C GLN A 370 3.05 9.68 -40.37
N GLY A 371 4.05 9.65 -41.26
CA GLY A 371 4.33 10.76 -42.18
C GLY A 371 4.74 12.08 -41.52
N GLY A 372 4.03 12.48 -40.46
CA GLY A 372 4.28 13.68 -39.68
C GLY A 372 3.73 13.44 -38.29
N ALA A 373 3.78 14.47 -37.44
CA ALA A 373 3.43 14.29 -36.03
C ALA A 373 1.95 13.96 -35.85
N LEU A 374 1.43 13.05 -36.66
CA LEU A 374 0.04 12.67 -36.65
C LEU A 374 -0.21 11.63 -35.56
N ALA A 375 -1.00 11.98 -34.55
CA ALA A 375 -1.34 11.05 -33.49
C ALA A 375 -2.67 10.36 -33.78
N ALA B 2 -8.38 5.57 44.04
CA ALA B 2 -7.82 6.69 43.29
C ALA B 2 -6.41 6.34 42.88
N LYS B 3 -6.11 5.05 42.78
CA LYS B 3 -4.86 4.56 42.22
C LYS B 3 -5.11 4.05 40.80
N VAL B 4 -4.43 4.65 39.83
CA VAL B 4 -4.56 4.29 38.41
C VAL B 4 -3.33 3.52 38.00
N LEU B 5 -3.52 2.26 37.65
CA LEU B 5 -2.45 1.40 37.18
C LEU B 5 -2.58 1.27 35.66
N CYS B 6 -1.54 1.72 34.96
CA CYS B 6 -1.60 1.89 33.51
C CYS B 6 -0.44 1.13 32.87
N VAL B 7 -0.73 0.20 31.98
CA VAL B 7 0.31 -0.58 31.32
C VAL B 7 0.44 -0.13 29.87
N LEU B 8 1.67 0.24 29.48
CA LEU B 8 1.98 0.77 28.16
C LEU B 8 3.20 0.04 27.58
N TYR B 9 3.43 0.20 26.29
CA TYR B 9 4.60 -0.49 25.72
C TYR B 9 5.87 0.34 25.88
N ASP B 10 7.01 -0.30 25.64
CA ASP B 10 8.29 0.36 25.89
C ASP B 10 8.48 1.55 24.96
N ASP B 11 9.35 2.47 25.41
CA ASP B 11 9.78 3.60 24.59
C ASP B 11 10.59 3.07 23.42
N PRO B 12 10.85 3.89 22.38
CA PRO B 12 11.77 3.47 21.31
C PRO B 12 13.16 3.16 21.86
N VAL B 13 13.86 2.23 21.19
CA VAL B 13 15.11 1.73 21.76
C VAL B 13 16.13 2.85 21.97
N ASP B 14 16.08 3.90 21.16
CA ASP B 14 16.96 5.05 21.35
C ASP B 14 16.28 6.19 22.10
N GLY B 15 15.37 5.88 23.03
CA GLY B 15 14.80 6.86 23.92
C GLY B 15 13.52 7.49 23.40
N TYR B 16 12.77 8.06 24.34
CA TYR B 16 11.53 8.72 24.02
C TYR B 16 11.80 9.89 23.08
N PRO B 17 11.04 10.05 22.00
CA PRO B 17 11.39 11.04 20.99
C PRO B 17 11.31 12.46 21.53
N LYS B 18 12.25 13.28 21.07
CA LYS B 18 12.26 14.71 21.35
C LYS B 18 11.58 15.52 20.23
N THR B 19 11.70 15.08 18.99
CA THR B 19 11.03 15.73 17.86
C THR B 19 10.17 14.71 17.12
N TYR B 20 9.30 15.23 16.27
CA TYR B 20 8.36 14.44 15.49
C TYR B 20 8.40 14.93 14.04
N ALA B 21 7.82 14.11 13.16
CA ALA B 21 7.93 14.34 11.73
C ALA B 21 7.09 15.52 11.28
N ARG B 22 5.99 15.80 11.97
CA ARG B 22 5.07 16.86 11.58
C ARG B 22 4.62 17.58 12.84
N ASP B 23 3.96 18.71 12.64
CA ASP B 23 3.56 19.54 13.76
C ASP B 23 2.16 19.22 14.27
N ASP B 24 1.24 18.81 13.40
CA ASP B 24 -0.12 18.57 13.83
C ASP B 24 -0.70 17.38 13.08
N LEU B 25 -1.95 17.08 13.37
CA LEU B 25 -2.70 16.00 12.78
C LEU B 25 -3.90 16.53 11.99
N PRO B 26 -4.29 15.84 10.93
CA PRO B 26 -5.51 16.21 10.20
C PRO B 26 -6.73 16.32 11.11
N LYS B 27 -7.59 17.29 10.78
CA LYS B 27 -8.80 17.50 11.56
C LYS B 27 -9.88 16.53 11.14
N ILE B 28 -10.53 15.89 12.11
CA ILE B 28 -11.60 14.94 11.85
C ILE B 28 -12.74 15.20 12.81
N ASP B 29 -13.98 15.20 12.31
CA ASP B 29 -15.13 15.57 13.13
C ASP B 29 -15.81 14.36 13.77
N HIS B 30 -16.04 13.33 12.96
CA HIS B 30 -16.84 12.20 13.40
C HIS B 30 -16.34 10.95 12.68
N TYR B 31 -16.75 9.82 13.19
CA TYR B 31 -16.51 8.55 12.54
C TYR B 31 -17.61 8.27 11.53
N PRO B 32 -17.36 7.40 10.55
CA PRO B 32 -18.44 7.01 9.65
C PRO B 32 -19.64 6.50 10.45
N GLY B 33 -20.81 7.03 10.14
CA GLY B 33 -22.00 6.67 10.88
C GLY B 33 -22.43 7.68 11.91
N GLY B 34 -21.62 8.68 12.23
CA GLY B 34 -22.02 9.82 13.04
C GLY B 34 -21.34 9.95 14.39
N GLN B 35 -20.79 8.87 14.95
CA GLN B 35 -20.22 8.97 16.29
C GLN B 35 -19.15 10.04 16.34
N THR B 36 -19.23 10.92 17.32
CA THR B 36 -18.22 11.96 17.43
C THR B 36 -16.97 11.40 18.08
N LEU B 37 -15.85 12.03 17.74
CA LEU B 37 -14.56 11.71 18.32
C LEU B 37 -14.59 12.06 19.82
N PRO B 38 -13.60 11.60 20.59
CA PRO B 38 -13.63 11.83 22.03
C PRO B 38 -13.75 13.31 22.41
N THR B 39 -14.41 13.54 23.54
CA THR B 39 -14.72 14.88 24.05
C THR B 39 -14.33 15.00 25.53
N PRO B 40 -13.05 14.87 25.85
CA PRO B 40 -12.63 15.10 27.24
C PRO B 40 -12.75 16.59 27.56
N LYS B 41 -12.67 16.93 28.85
CA LYS B 41 -12.76 18.34 29.20
C LYS B 41 -11.54 19.11 28.71
N ALA B 42 -10.40 18.44 28.60
CA ALA B 42 -9.15 19.03 28.13
C ALA B 42 -8.19 17.88 27.88
N ILE B 43 -7.07 18.20 27.23
CA ILE B 43 -5.95 17.28 27.06
C ILE B 43 -4.65 17.99 27.42
N ASP B 44 -3.72 17.26 28.02
CA ASP B 44 -2.41 17.80 28.36
C ASP B 44 -1.31 17.32 27.44
N PHE B 45 -1.66 16.86 26.24
CA PHE B 45 -0.68 16.50 25.23
C PHE B 45 -0.95 17.31 23.96
N THR B 46 0.03 17.28 23.06
CA THR B 46 -0.17 17.81 21.73
C THR B 46 -0.45 16.63 20.81
N PRO B 47 -1.56 16.61 20.08
CA PRO B 47 -1.85 15.47 19.18
C PRO B 47 -0.74 15.25 18.18
N GLY B 48 -0.29 14.00 18.10
CA GLY B 48 0.88 13.65 17.32
C GLY B 48 2.05 13.18 18.15
N GLN B 49 2.01 13.39 19.47
CA GLN B 49 3.04 12.89 20.38
C GLN B 49 2.85 11.39 20.62
N LEU B 50 3.94 10.74 21.04
CA LEU B 50 3.92 9.31 21.35
C LEU B 50 3.31 9.13 22.72
N LEU B 51 2.07 8.62 22.78
CA LEU B 51 1.35 8.57 24.03
C LEU B 51 1.19 7.16 24.59
N GLY B 52 1.33 6.14 23.76
CA GLY B 52 1.11 4.77 24.12
C GLY B 52 2.31 4.05 24.66
N SER B 53 3.45 4.73 24.78
CA SER B 53 4.60 4.14 25.42
C SER B 53 4.76 4.66 26.84
N VAL B 54 5.68 4.03 27.59
CA VAL B 54 5.81 4.25 29.03
C VAL B 54 6.02 5.73 29.38
N SER B 55 6.82 6.45 28.59
CA SER B 55 7.03 7.87 28.90
C SER B 55 5.96 8.79 28.32
N GLY B 56 5.07 8.29 27.45
CA GLY B 56 3.92 9.06 27.01
C GLY B 56 2.82 9.14 28.06
N GLU B 57 2.61 8.04 28.79
CA GLU B 57 1.67 7.97 29.93
C GLU B 57 0.24 8.29 29.52
N LEU B 58 -0.09 8.10 28.24
CA LEU B 58 -1.36 8.52 27.65
C LEU B 58 -1.69 9.98 27.97
N GLY B 59 -0.70 10.79 28.35
CA GLY B 59 -0.93 12.17 28.69
C GLY B 59 -1.75 12.39 29.95
N LEU B 60 -1.67 11.47 30.91
CA LEU B 60 -2.60 11.45 32.02
C LEU B 60 -2.04 11.98 33.34
N ARG B 61 -0.72 12.08 33.50
CA ARG B 61 -0.16 12.22 34.84
C ARG B 61 -0.59 13.52 35.51
N LYS B 62 -0.49 14.64 34.81
CA LYS B 62 -0.77 15.92 35.45
C LYS B 62 -2.25 16.05 35.81
N TYR B 63 -3.13 15.44 35.01
CA TYR B 63 -4.56 15.47 35.34
C TYR B 63 -4.84 14.61 36.57
N LEU B 64 -4.26 13.42 36.64
CA LEU B 64 -4.52 12.55 37.79
C LEU B 64 -3.89 13.11 39.06
N GLU B 65 -2.62 13.53 38.98
CA GLU B 65 -1.91 13.95 40.18
C GLU B 65 -2.46 15.27 40.72
N SER B 66 -2.85 16.20 39.83
CA SER B 66 -3.47 17.43 40.32
C SER B 66 -4.87 17.20 40.88
N ASN B 67 -5.41 15.99 40.77
CA ASN B 67 -6.67 15.64 41.43
C ASN B 67 -6.45 14.65 42.56
N GLY B 68 -5.22 14.52 43.06
CA GLY B 68 -4.94 13.66 44.19
C GLY B 68 -4.96 12.17 43.91
N HIS B 69 -4.99 11.77 42.64
CA HIS B 69 -4.86 10.37 42.29
C HIS B 69 -3.39 10.02 42.09
N THR B 70 -3.07 8.74 42.14
CA THR B 70 -1.74 8.28 41.81
C THR B 70 -1.77 7.54 40.48
N LEU B 71 -0.69 7.67 39.71
CA LEU B 71 -0.56 7.01 38.43
C LEU B 71 0.69 6.15 38.45
N VAL B 72 0.52 4.84 38.23
CA VAL B 72 1.62 3.89 38.11
C VAL B 72 1.63 3.36 36.68
N VAL B 73 2.75 3.60 35.97
CA VAL B 73 2.90 3.26 34.57
C VAL B 73 4.04 2.25 34.43
N THR B 74 3.77 1.13 33.78
CA THR B 74 4.79 0.11 33.60
C THR B 74 4.56 -0.59 32.27
N SER B 75 5.61 -1.22 31.76
CA SER B 75 5.48 -2.15 30.64
C SER B 75 5.64 -3.61 31.06
N ASP B 76 5.80 -3.89 32.35
CA ASP B 76 6.07 -5.24 32.85
C ASP B 76 4.76 -5.83 33.36
N LYS B 77 4.14 -6.69 32.56
CA LYS B 77 2.75 -7.08 32.74
C LYS B 77 2.52 -8.59 32.80
N ASP B 78 3.46 -9.40 32.35
CA ASP B 78 3.23 -10.82 32.10
C ASP B 78 3.63 -11.66 33.31
N GLY B 79 2.69 -12.48 33.79
CA GLY B 79 3.00 -13.45 34.80
C GLY B 79 2.99 -12.89 36.20
N PRO B 80 3.04 -13.77 37.21
CA PRO B 80 2.77 -13.34 38.59
C PRO B 80 3.90 -12.53 39.21
N ASP B 81 5.09 -12.50 38.62
CA ASP B 81 6.21 -11.75 39.17
C ASP B 81 6.37 -10.39 38.51
N SER B 82 5.37 -9.92 37.78
CA SER B 82 5.46 -8.67 37.07
C SER B 82 5.10 -7.49 37.96
N VAL B 83 5.67 -6.32 37.65
CA VAL B 83 5.25 -5.07 38.27
C VAL B 83 3.73 -4.96 38.30
N PHE B 84 3.08 -5.31 37.20
CA PHE B 84 1.63 -5.15 37.10
C PHE B 84 0.90 -5.96 38.18
N GLU B 85 1.28 -7.23 38.36
CA GLU B 85 0.62 -8.07 39.37
C GLU B 85 0.82 -7.51 40.77
N ARG B 86 2.00 -6.94 41.05
CA ARG B 86 2.27 -6.36 42.35
C ARG B 86 1.43 -5.11 42.60
N GLU B 87 1.30 -4.26 41.59
CA GLU B 87 0.57 -3.00 41.77
C GLU B 87 -0.93 -3.21 41.72
N LEU B 88 -1.38 -4.33 41.17
CA LEU B 88 -2.80 -4.55 40.92
C LEU B 88 -3.61 -4.73 42.19
N VAL B 89 -3.00 -5.28 43.26
CA VAL B 89 -3.73 -5.68 44.47
C VAL B 89 -4.59 -4.54 45.03
N ASP B 90 -4.22 -3.28 44.80
CA ASP B 90 -5.01 -2.16 45.32
C ASP B 90 -5.30 -1.09 44.27
N ALA B 91 -5.14 -1.39 43.00
CA ALA B 91 -5.46 -0.42 41.96
C ALA B 91 -6.97 -0.26 41.88
N ASP B 92 -7.45 0.99 41.82
CA ASP B 92 -8.85 1.23 41.54
C ASP B 92 -9.17 1.17 40.05
N VAL B 93 -8.23 1.60 39.20
CA VAL B 93 -8.43 1.67 37.76
C VAL B 93 -7.24 1.01 37.08
N VAL B 94 -7.52 0.14 36.12
CA VAL B 94 -6.48 -0.47 35.29
C VAL B 94 -6.70 -0.05 33.85
N ILE B 95 -5.62 0.34 33.19
CA ILE B 95 -5.66 0.76 31.79
C ILE B 95 -4.61 0.00 31.00
N SER B 96 -4.95 -0.37 29.77
CA SER B 96 -4.11 -1.27 29.01
C SER B 96 -4.47 -1.11 27.55
N GLN B 97 -3.40 -1.25 26.65
CA GLN B 97 -3.78 -1.22 25.24
C GLN B 97 -3.77 -2.63 24.69
N PRO B 98 -4.58 -2.94 23.68
CA PRO B 98 -4.53 -4.29 23.09
C PRO B 98 -3.20 -4.61 22.42
N PHE B 99 -2.37 -3.58 22.12
CA PHE B 99 -1.05 -3.84 21.57
C PHE B 99 -0.03 -4.26 22.62
N TRP B 100 -0.34 -4.05 23.90
CA TRP B 100 0.51 -4.48 25.01
C TRP B 100 -0.37 -4.73 26.21
N PRO B 101 -1.25 -5.75 26.14
CA PRO B 101 -2.38 -5.85 27.07
C PRO B 101 -2.01 -6.43 28.42
N ALA B 102 -2.58 -5.83 29.47
CA ALA B 102 -2.46 -6.36 30.83
C ALA B 102 -3.66 -7.27 31.09
N TYR B 103 -3.44 -8.59 31.01
CA TYR B 103 -4.53 -9.55 31.07
C TYR B 103 -5.20 -9.50 32.43
N LEU B 104 -6.52 -9.30 32.44
CA LEU B 104 -7.31 -9.36 33.67
C LEU B 104 -8.04 -10.70 33.68
N THR B 105 -7.30 -11.74 34.07
CA THR B 105 -7.82 -13.08 34.21
C THR B 105 -8.70 -13.18 35.47
N PRO B 106 -9.51 -14.25 35.58
CA PRO B 106 -10.27 -14.44 36.84
C PRO B 106 -9.40 -14.35 38.08
N GLU B 107 -8.27 -15.08 38.11
CA GLU B 107 -7.39 -15.07 39.27
C GLU B 107 -6.86 -13.67 39.57
N ARG B 108 -6.53 -12.90 38.54
CA ARG B 108 -6.00 -11.57 38.78
C ARG B 108 -7.08 -10.63 39.32
N ILE B 109 -8.27 -10.68 38.73
CA ILE B 109 -9.37 -9.84 39.19
C ILE B 109 -9.73 -10.18 40.62
N ALA B 110 -9.63 -11.46 41.00
CA ALA B 110 -9.87 -11.84 42.39
C ALA B 110 -8.88 -11.16 43.33
N LYS B 111 -7.61 -11.04 42.90
CA LYS B 111 -6.61 -10.36 43.71
C LYS B 111 -6.77 -8.85 43.72
N ALA B 112 -7.49 -8.27 42.75
CA ALA B 112 -7.60 -6.82 42.64
C ALA B 112 -8.74 -6.34 43.54
N LYS B 113 -8.41 -6.08 44.80
CA LYS B 113 -9.44 -5.87 45.81
C LYS B 113 -10.17 -4.54 45.65
N ASN B 114 -9.52 -3.54 45.05
CA ASN B 114 -10.15 -2.23 44.86
C ASN B 114 -10.60 -1.97 43.43
N LEU B 115 -10.53 -2.98 42.56
CA LEU B 115 -10.75 -2.73 41.12
C LEU B 115 -12.18 -2.27 40.87
N LYS B 116 -12.32 -1.09 40.26
CA LYS B 116 -13.62 -0.55 39.88
C LYS B 116 -13.77 -0.30 38.40
N LEU B 117 -12.68 -0.04 37.67
CA LEU B 117 -12.76 0.30 36.25
C LEU B 117 -11.65 -0.39 35.48
N ALA B 118 -12.01 -1.16 34.45
CA ALA B 118 -11.07 -1.74 33.49
C ALA B 118 -11.23 -1.00 32.18
N LEU B 119 -10.24 -0.20 31.81
CA LEU B 119 -10.32 0.68 30.66
C LEU B 119 -9.40 0.16 29.56
N THR B 120 -9.94 -0.05 28.38
CA THR B 120 -9.10 -0.40 27.24
C THR B 120 -8.72 0.88 26.49
N ALA B 121 -7.43 1.19 26.49
CA ALA B 121 -6.91 2.32 25.69
C ALA B 121 -6.87 1.87 24.23
N GLY B 122 -8.04 1.79 23.64
CA GLY B 122 -8.18 1.32 22.28
C GLY B 122 -9.46 0.53 22.11
N ILE B 123 -9.42 -0.50 21.28
CA ILE B 123 -10.57 -1.31 20.95
C ILE B 123 -10.23 -2.77 21.22
N GLY B 124 -11.09 -3.46 21.94
CA GLY B 124 -10.90 -4.88 22.10
C GLY B 124 -10.67 -5.34 23.53
N SER B 125 -11.77 -5.55 24.27
CA SER B 125 -11.73 -6.06 25.65
C SER B 125 -11.38 -7.55 25.74
N ASP B 126 -10.63 -8.07 24.77
CA ASP B 126 -10.37 -9.51 24.73
C ASP B 126 -9.52 -9.96 25.91
N HIS B 127 -8.70 -9.07 26.45
CA HIS B 127 -7.81 -9.41 27.55
C HIS B 127 -8.50 -9.39 28.91
N VAL B 128 -9.79 -9.10 28.98
CA VAL B 128 -10.51 -8.97 30.24
C VAL B 128 -11.55 -10.10 30.32
N ASP B 129 -11.52 -10.86 31.42
CA ASP B 129 -12.56 -11.87 31.64
C ASP B 129 -13.85 -11.17 32.05
N LEU B 130 -14.87 -11.25 31.19
CA LEU B 130 -16.05 -10.41 31.38
C LEU B 130 -16.95 -10.93 32.49
N GLN B 131 -17.07 -12.26 32.64
CA GLN B 131 -17.87 -12.79 33.74
C GLN B 131 -17.33 -12.34 35.09
N SER B 132 -16.00 -12.37 35.26
CA SER B 132 -15.40 -11.88 36.51
C SER B 132 -15.73 -10.42 36.72
N ALA B 133 -15.67 -9.61 35.66
CA ALA B 133 -16.01 -8.20 35.79
C ALA B 133 -17.47 -8.01 36.17
N ILE B 134 -18.35 -8.82 35.56
CA ILE B 134 -19.76 -8.79 35.91
C ILE B 134 -19.96 -9.16 37.37
N ASP B 135 -19.40 -10.30 37.77
CA ASP B 135 -19.58 -10.81 39.14
C ASP B 135 -19.04 -9.82 40.18
N ARG B 136 -18.00 -9.06 39.85
CA ARG B 136 -17.35 -8.17 40.81
C ARG B 136 -17.75 -6.71 40.63
N ASN B 137 -18.70 -6.43 39.74
CA ASN B 137 -19.22 -5.07 39.53
C ASN B 137 -18.17 -4.10 39.01
N VAL B 138 -17.12 -4.61 38.36
CA VAL B 138 -16.14 -3.76 37.70
C VAL B 138 -16.71 -3.26 36.36
N THR B 139 -16.59 -1.96 36.11
CA THR B 139 -16.97 -1.39 34.81
C THR B 139 -15.88 -1.68 33.78
N VAL B 140 -16.30 -2.05 32.56
CA VAL B 140 -15.37 -2.32 31.46
C VAL B 140 -15.74 -1.41 30.29
N ALA B 141 -14.77 -0.61 29.82
CA ALA B 141 -15.03 0.39 28.80
C ALA B 141 -13.86 0.43 27.81
N GLU B 142 -14.14 0.95 26.62
CA GLU B 142 -13.14 1.04 25.57
C GLU B 142 -13.42 2.26 24.71
N VAL B 143 -12.42 2.67 23.93
CA VAL B 143 -12.56 3.90 23.15
C VAL B 143 -13.02 3.52 21.75
N THR B 144 -14.33 3.29 21.64
CA THR B 144 -14.94 2.72 20.45
C THR B 144 -14.64 3.57 19.22
N TYR B 145 -14.27 2.89 18.14
CA TYR B 145 -14.00 3.45 16.82
C TYR B 145 -12.66 4.19 16.72
N CYS B 146 -11.84 4.23 17.78
CA CYS B 146 -10.64 5.08 17.75
C CYS B 146 -9.66 4.69 16.64
N ASN B 147 -9.56 3.40 16.29
CA ASN B 147 -8.59 3.03 15.26
C ASN B 147 -9.17 2.13 14.18
N SER B 148 -10.49 2.13 13.99
CA SER B 148 -11.08 1.31 12.92
C SER B 148 -10.56 1.72 11.56
N ILE B 149 -10.46 3.02 11.31
CA ILE B 149 -10.03 3.50 10.00
C ILE B 149 -8.55 3.20 9.81
N SER B 150 -7.76 3.32 10.89
CA SER B 150 -6.34 3.01 10.82
C SER B 150 -6.10 1.58 10.35
N VAL B 151 -6.86 0.63 10.89
CA VAL B 151 -6.66 -0.77 10.50
C VAL B 151 -7.10 -0.98 9.06
N ALA B 152 -8.22 -0.38 8.66
CA ALA B 152 -8.69 -0.48 7.28
C ALA B 152 -7.62 -0.01 6.29
N GLU B 153 -7.00 1.15 6.58
CA GLU B 153 -5.89 1.63 5.75
C GLU B 153 -4.76 0.60 5.70
N HIS B 154 -4.44 0.02 6.85
CA HIS B 154 -3.38 -0.97 6.92
C HIS B 154 -3.69 -2.17 6.04
N VAL B 155 -4.97 -2.57 5.99
CA VAL B 155 -5.38 -3.71 5.18
C VAL B 155 -5.15 -3.42 3.70
N VAL B 156 -5.69 -2.30 3.20
CA VAL B 156 -5.56 -1.98 1.79
C VAL B 156 -4.08 -1.84 1.41
N MET B 157 -3.28 -1.30 2.33
CA MET B 157 -1.86 -1.15 2.09
C MET B 157 -1.20 -2.50 1.89
N MET B 158 -1.57 -3.46 2.73
CA MET B 158 -0.99 -4.80 2.66
C MET B 158 -1.48 -5.55 1.42
N ILE B 159 -2.75 -5.37 1.06
CA ILE B 159 -3.26 -6.01 -0.16
C ILE B 159 -2.46 -5.55 -1.38
N LEU B 160 -2.31 -4.23 -1.55
CA LEU B 160 -1.54 -3.73 -2.68
C LEU B 160 -0.09 -4.21 -2.63
N SER B 161 0.52 -4.22 -1.44
CA SER B 161 1.92 -4.65 -1.37
C SER B 161 2.08 -6.11 -1.72
N LEU B 162 1.15 -6.96 -1.29
CA LEU B 162 1.27 -8.39 -1.58
C LEU B 162 1.08 -8.67 -3.07
N VAL B 163 0.05 -8.05 -3.66
CA VAL B 163 -0.27 -8.31 -5.06
C VAL B 163 0.83 -7.80 -5.97
N ARG B 164 1.33 -6.61 -5.72
CA ARG B 164 2.37 -6.00 -6.56
C ARG B 164 3.80 -6.38 -6.13
N ASN B 165 3.97 -7.23 -5.11
CA ASN B 165 5.29 -7.73 -4.74
C ASN B 165 6.21 -6.60 -4.28
N TYR B 166 5.66 -5.65 -3.52
CA TYR B 166 6.38 -4.45 -3.10
C TYR B 166 7.60 -4.77 -2.23
N LEU B 167 7.43 -5.65 -1.24
CA LEU B 167 8.49 -5.80 -0.24
C LEU B 167 9.77 -6.42 -0.82
N PRO B 168 9.73 -7.49 -1.60
CA PRO B 168 10.98 -7.94 -2.23
C PRO B 168 11.53 -6.92 -3.23
N SER B 169 10.66 -6.22 -3.97
CA SER B 169 11.15 -5.19 -4.88
C SER B 169 11.90 -4.09 -4.14
N HIS B 170 11.39 -3.68 -2.99
CA HIS B 170 12.09 -2.65 -2.23
C HIS B 170 13.42 -3.18 -1.69
N GLU B 171 13.49 -4.48 -1.36
CA GLU B 171 14.75 -5.06 -0.94
C GLU B 171 15.80 -5.02 -2.05
N TRP B 172 15.39 -5.31 -3.30
CA TRP B 172 16.34 -5.21 -4.41
C TRP B 172 16.89 -3.79 -4.52
N ALA B 173 16.02 -2.79 -4.46
CA ALA B 173 16.47 -1.40 -4.48
C ALA B 173 17.40 -1.11 -3.30
N ARG B 174 16.96 -1.47 -2.10
CA ARG B 174 17.73 -1.12 -0.91
C ARG B 174 19.13 -1.72 -0.94
N LYS B 175 19.28 -2.92 -1.49
CA LYS B 175 20.53 -3.68 -1.40
C LYS B 175 21.47 -3.42 -2.57
N GLY B 176 21.17 -2.46 -3.42
CA GLY B 176 22.07 -2.11 -4.48
C GLY B 176 21.81 -2.77 -5.83
N GLY B 177 20.71 -3.52 -5.98
CA GLY B 177 20.41 -4.22 -7.20
C GLY B 177 19.46 -3.46 -8.11
N TRP B 178 18.93 -4.17 -9.09
CA TRP B 178 18.01 -3.58 -10.05
C TRP B 178 16.98 -4.64 -10.40
N ASN B 179 17.35 -5.59 -11.25
CA ASN B 179 16.72 -6.91 -11.28
C ASN B 179 15.22 -6.83 -11.56
N ILE B 180 14.90 -6.18 -12.68
CA ILE B 180 13.51 -5.94 -13.03
C ILE B 180 12.73 -7.25 -13.07
N ALA B 181 13.28 -8.28 -13.74
CA ALA B 181 12.54 -9.53 -13.87
C ALA B 181 12.36 -10.24 -12.53
N ASP B 182 13.33 -10.11 -11.62
CA ASP B 182 13.20 -10.71 -10.30
C ASP B 182 12.09 -10.05 -9.51
N CYS B 183 11.91 -8.74 -9.69
CA CYS B 183 10.84 -8.00 -9.02
C CYS B 183 9.47 -8.41 -9.52
N VAL B 184 9.31 -8.53 -10.85
CA VAL B 184 7.97 -8.59 -11.42
C VAL B 184 7.54 -10.00 -11.79
N SER B 185 8.40 -11.01 -11.60
CA SER B 185 7.99 -12.39 -11.80
C SER B 185 6.90 -12.83 -10.83
N HIS B 186 6.61 -12.03 -9.82
CA HIS B 186 5.59 -12.34 -8.82
C HIS B 186 4.74 -11.10 -8.56
N ALA B 187 4.63 -10.20 -9.55
CA ALA B 187 3.86 -8.96 -9.41
C ALA B 187 2.73 -8.90 -10.42
N TYR B 188 1.55 -8.51 -9.94
CA TYR B 188 0.33 -8.39 -10.71
C TYR B 188 -0.34 -7.05 -10.38
N ASP B 189 -1.30 -6.64 -11.20
CA ASP B 189 -2.19 -5.55 -10.78
C ASP B 189 -3.30 -6.11 -9.90
N LEU B 190 -3.83 -5.24 -9.04
CA LEU B 190 -5.02 -5.59 -8.25
C LEU B 190 -6.31 -5.45 -9.06
N GLU B 191 -6.33 -4.56 -10.05
CA GLU B 191 -7.54 -4.19 -10.78
C GLU B 191 -8.28 -5.43 -11.29
N ALA B 192 -9.58 -5.45 -11.02
CA ALA B 192 -10.56 -6.44 -11.46
C ALA B 192 -10.41 -7.79 -10.77
N MET B 193 -9.50 -7.91 -9.80
CA MET B 193 -9.47 -9.11 -8.97
C MET B 193 -10.75 -9.21 -8.13
N HIS B 194 -11.03 -10.42 -7.64
CA HIS B 194 -12.10 -10.66 -6.68
C HIS B 194 -11.53 -10.56 -5.27
N VAL B 195 -12.10 -9.67 -4.47
CA VAL B 195 -11.64 -9.42 -3.11
C VAL B 195 -12.82 -9.58 -2.16
N GLY B 196 -12.64 -10.42 -1.14
CA GLY B 196 -13.68 -10.68 -0.16
C GLY B 196 -13.21 -10.36 1.25
N THR B 197 -14.12 -9.81 2.05
CA THR B 197 -13.91 -9.64 3.48
C THR B 197 -14.79 -10.63 4.23
N VAL B 198 -14.23 -11.23 5.28
CA VAL B 198 -14.98 -12.29 5.94
C VAL B 198 -16.11 -11.73 6.81
N ALA B 199 -15.94 -10.53 7.35
CA ALA B 199 -17.04 -9.82 7.99
C ALA B 199 -17.03 -8.39 7.48
N ALA B 200 -18.16 -7.69 7.63
CA ALA B 200 -18.28 -6.30 7.17
C ALA B 200 -18.78 -5.42 8.31
N GLY B 201 -18.02 -5.38 9.42
CA GLY B 201 -18.27 -4.43 10.48
C GLY B 201 -17.54 -3.12 10.26
N ARG B 202 -17.06 -2.48 11.34
CA ARG B 202 -16.44 -1.16 11.22
C ARG B 202 -15.25 -1.19 10.28
N ILE B 203 -14.34 -2.15 10.48
CA ILE B 203 -13.16 -2.22 9.63
C ILE B 203 -13.50 -2.80 8.26
N GLY B 204 -14.26 -3.89 8.23
CA GLY B 204 -14.60 -4.54 6.97
C GLY B 204 -15.32 -3.61 6.00
N LEU B 205 -16.25 -2.80 6.49
CA LEU B 205 -16.93 -1.84 5.63
C LEU B 205 -15.99 -0.73 5.17
N ALA B 206 -15.07 -0.29 6.04
CA ALA B 206 -14.13 0.74 5.64
C ALA B 206 -13.14 0.21 4.60
N VAL B 207 -12.76 -1.06 4.71
CA VAL B 207 -11.91 -1.72 3.71
C VAL B 207 -12.63 -1.81 2.37
N LEU B 208 -13.90 -2.27 2.39
CA LEU B 208 -14.65 -2.40 1.15
C LEU B 208 -14.80 -1.05 0.45
N ARG B 209 -15.02 0.02 1.22
CA ARG B 209 -15.21 1.33 0.59
C ARG B 209 -13.94 1.82 -0.08
N ARG B 210 -12.79 1.57 0.55
CA ARG B 210 -11.52 1.97 -0.03
C ARG B 210 -11.10 1.10 -1.20
N LEU B 211 -11.59 -0.15 -1.27
CA LEU B 211 -11.23 -1.03 -2.38
C LEU B 211 -12.00 -0.72 -3.64
N ALA B 212 -13.23 -0.21 -3.52
CA ALA B 212 -14.12 -0.06 -4.68
C ALA B 212 -13.50 0.66 -5.87
N PRO B 213 -12.87 1.84 -5.73
CA PRO B 213 -12.32 2.50 -6.93
C PRO B 213 -11.10 1.83 -7.51
N PHE B 214 -10.59 0.76 -6.90
CA PHE B 214 -9.58 -0.04 -7.56
C PHE B 214 -10.18 -0.95 -8.62
N ASP B 215 -11.51 -0.90 -8.81
CA ASP B 215 -12.23 -1.70 -9.81
C ASP B 215 -12.09 -3.19 -9.57
N VAL B 216 -12.02 -3.59 -8.31
CA VAL B 216 -12.05 -5.00 -7.96
C VAL B 216 -13.50 -5.44 -7.88
N HIS B 217 -13.73 -6.75 -7.86
CA HIS B 217 -15.06 -7.30 -7.61
C HIS B 217 -15.14 -7.64 -6.13
N LEU B 218 -16.12 -7.06 -5.43
CA LEU B 218 -16.18 -7.12 -3.97
C LEU B 218 -17.09 -8.24 -3.51
N HIS B 219 -16.63 -8.97 -2.49
CA HIS B 219 -17.39 -10.06 -1.89
C HIS B 219 -17.36 -9.88 -0.38
N TYR B 220 -18.36 -10.43 0.30
CA TYR B 220 -18.30 -10.44 1.75
C TYR B 220 -19.21 -11.51 2.33
N THR B 221 -18.85 -11.96 3.54
CA THR B 221 -19.66 -12.81 4.42
C THR B 221 -19.90 -12.03 5.72
N ASP B 222 -20.88 -12.47 6.50
CA ASP B 222 -21.27 -11.90 7.80
C ASP B 222 -22.42 -12.73 8.36
N ARG B 223 -22.65 -12.65 9.68
CA ARG B 223 -23.89 -13.25 10.21
C ARG B 223 -25.10 -12.46 9.76
N HIS B 224 -24.98 -11.15 9.68
CA HIS B 224 -26.08 -10.28 9.32
C HIS B 224 -25.68 -9.52 8.06
N ARG B 225 -26.52 -9.62 7.03
CA ARG B 225 -26.25 -8.94 5.77
C ARG B 225 -26.17 -7.43 5.98
N LEU B 226 -25.52 -6.77 5.04
CA LEU B 226 -25.54 -5.33 5.00
C LEU B 226 -26.88 -4.84 4.49
N PRO B 227 -27.20 -3.56 4.69
CA PRO B 227 -28.41 -2.99 4.08
C PRO B 227 -28.33 -3.03 2.56
N GLU B 228 -29.46 -3.41 1.93
CA GLU B 228 -29.52 -3.56 0.47
C GLU B 228 -29.03 -2.31 -0.24
N SER B 229 -29.24 -1.13 0.35
CA SER B 229 -28.75 0.09 -0.29
C SER B 229 -27.22 0.13 -0.31
N VAL B 230 -26.57 -0.41 0.73
CA VAL B 230 -25.11 -0.43 0.77
C VAL B 230 -24.56 -1.50 -0.17
N GLU B 231 -25.20 -2.67 -0.20
CA GLU B 231 -24.84 -3.71 -1.16
C GLU B 231 -24.81 -3.15 -2.57
N LYS B 232 -25.81 -2.37 -2.95
CA LYS B 232 -25.85 -1.91 -4.34
C LYS B 232 -24.96 -0.71 -4.57
N GLU B 233 -24.73 0.11 -3.54
CA GLU B 233 -23.77 1.22 -3.69
C GLU B 233 -22.35 0.71 -3.92
N LEU B 234 -21.95 -0.37 -3.24
CA LEU B 234 -20.62 -0.94 -3.39
C LEU B 234 -20.59 -2.15 -4.31
N ASN B 235 -21.72 -2.52 -4.93
CA ASN B 235 -21.82 -3.68 -5.80
C ASN B 235 -21.22 -4.93 -5.17
N LEU B 236 -21.78 -5.32 -4.02
CA LEU B 236 -21.26 -6.44 -3.24
C LEU B 236 -21.95 -7.73 -3.63
N THR B 237 -21.19 -8.82 -3.61
CA THR B 237 -21.73 -10.17 -3.72
C THR B 237 -21.71 -10.79 -2.34
N TRP B 238 -22.88 -11.10 -1.82
CA TRP B 238 -23.04 -11.70 -0.51
C TRP B 238 -22.88 -13.21 -0.60
N HIS B 239 -22.17 -13.78 0.37
CA HIS B 239 -22.02 -15.21 0.52
C HIS B 239 -22.48 -15.58 1.92
N ALA B 240 -23.26 -16.67 2.03
CA ALA B 240 -23.87 -17.01 3.31
C ALA B 240 -22.89 -17.70 4.24
N THR B 241 -21.93 -18.45 3.69
CA THR B 241 -20.86 -19.05 4.47
C THR B 241 -19.52 -18.50 4.00
N ARG B 242 -18.55 -18.49 4.92
CA ARG B 242 -17.16 -18.19 4.53
C ARG B 242 -16.67 -19.17 3.46
N GLU B 243 -16.89 -20.47 3.67
CA GLU B 243 -16.42 -21.49 2.74
C GLU B 243 -16.97 -21.29 1.33
N ASP B 244 -18.18 -20.72 1.21
CA ASP B 244 -18.73 -20.43 -0.11
C ASP B 244 -18.04 -19.23 -0.77
N MET B 245 -17.35 -18.40 0.01
CA MET B 245 -16.67 -17.21 -0.52
C MET B 245 -15.26 -17.51 -1.02
N TYR B 246 -14.50 -18.30 -0.27
CA TYR B 246 -13.08 -18.55 -0.58
C TYR B 246 -12.78 -18.92 -2.02
N PRO B 247 -13.50 -19.85 -2.67
CA PRO B 247 -13.05 -20.32 -4.00
C PRO B 247 -13.19 -19.28 -5.10
N VAL B 248 -13.95 -18.20 -4.92
CA VAL B 248 -14.04 -17.20 -5.98
C VAL B 248 -13.13 -16.00 -5.75
N CYS B 249 -12.50 -15.90 -4.59
CA CYS B 249 -11.68 -14.74 -4.24
C CYS B 249 -10.23 -14.88 -4.66
N ASP B 250 -9.70 -13.81 -5.26
CA ASP B 250 -8.26 -13.68 -5.41
C ASP B 250 -7.61 -13.15 -4.14
N VAL B 251 -8.34 -12.36 -3.35
CA VAL B 251 -7.85 -11.81 -2.08
C VAL B 251 -8.94 -12.01 -1.05
N VAL B 252 -8.54 -12.47 0.14
CA VAL B 252 -9.43 -12.63 1.28
C VAL B 252 -8.83 -11.88 2.45
N THR B 253 -9.60 -10.96 3.05
CA THR B 253 -9.17 -10.23 4.23
C THR B 253 -10.09 -10.57 5.41
N LEU B 254 -9.48 -10.88 6.54
CA LEU B 254 -10.21 -11.31 7.73
C LEU B 254 -10.44 -10.10 8.63
N ASN B 255 -11.69 -9.82 8.93
CA ASN B 255 -12.06 -8.67 9.75
C ASN B 255 -13.15 -9.11 10.71
N ILE B 256 -12.89 -10.22 11.36
CA ILE B 256 -13.89 -10.91 12.17
C ILE B 256 -13.31 -11.06 13.57
N PRO B 257 -14.13 -11.05 14.61
CA PRO B 257 -13.60 -11.34 15.96
C PRO B 257 -13.20 -12.81 16.09
N LEU B 258 -12.28 -13.04 17.03
CA LEU B 258 -11.85 -14.39 17.41
C LEU B 258 -12.71 -14.90 18.55
N HIS B 259 -13.44 -15.99 18.31
CA HIS B 259 -14.15 -16.75 19.34
C HIS B 259 -14.23 -18.18 18.82
N PRO B 260 -14.76 -19.15 19.59
CA PRO B 260 -14.61 -20.58 19.22
C PRO B 260 -14.98 -20.90 17.78
N PRO B 261 -16.11 -20.39 17.24
CA PRO B 261 -16.43 -20.71 15.84
C PRO B 261 -15.46 -20.14 14.81
N THR B 262 -14.58 -19.20 15.17
CA THR B 262 -13.64 -18.67 14.19
C THR B 262 -12.18 -19.04 14.46
N GLU B 263 -11.86 -19.65 15.60
CA GLU B 263 -10.46 -20.02 15.87
C GLU B 263 -9.97 -21.09 14.89
N HIS B 264 -8.78 -20.85 14.32
CA HIS B 264 -8.20 -21.74 13.30
C HIS B 264 -9.18 -21.98 12.16
N MET B 265 -10.01 -20.98 11.85
CA MET B 265 -10.91 -21.13 10.70
C MET B 265 -10.15 -21.21 9.38
N ILE B 266 -8.93 -20.68 9.33
CA ILE B 266 -8.02 -20.88 8.20
C ILE B 266 -7.07 -21.99 8.62
N ASN B 267 -7.19 -23.14 7.97
CA ASN B 267 -6.39 -24.30 8.37
C ASN B 267 -6.07 -25.13 7.13
N ASP B 268 -5.37 -26.25 7.33
CA ASP B 268 -4.93 -27.06 6.21
C ASP B 268 -6.08 -27.50 5.33
N GLU B 269 -7.27 -27.66 5.92
CA GLU B 269 -8.41 -28.12 5.14
C GLU B 269 -9.09 -26.96 4.41
N THR B 270 -9.40 -25.87 5.11
CA THR B 270 -10.08 -24.75 4.45
C THR B 270 -9.19 -24.08 3.40
N LEU B 271 -7.87 -24.13 3.60
CA LEU B 271 -6.96 -23.55 2.62
C LEU B 271 -7.04 -24.24 1.26
N LYS B 272 -7.50 -25.50 1.22
CA LYS B 272 -7.67 -26.17 -0.06
C LYS B 272 -8.82 -25.59 -0.87
N LEU B 273 -9.72 -24.80 -0.25
CA LEU B 273 -10.78 -24.12 -0.99
C LEU B 273 -10.30 -22.85 -1.69
N PHE B 274 -9.16 -22.29 -1.29
CA PHE B 274 -8.69 -21.04 -1.88
C PHE B 274 -8.19 -21.29 -3.30
N LYS B 275 -8.37 -20.31 -4.18
CA LYS B 275 -7.78 -20.38 -5.50
C LYS B 275 -6.26 -20.45 -5.40
N ARG B 276 -5.65 -21.02 -6.44
CA ARG B 276 -4.19 -21.00 -6.52
C ARG B 276 -3.71 -19.56 -6.65
N GLY B 277 -2.74 -19.19 -5.81
CA GLY B 277 -2.21 -17.84 -5.87
C GLY B 277 -3.04 -16.80 -5.13
N ALA B 278 -3.95 -17.23 -4.28
CA ALA B 278 -4.74 -16.32 -3.46
C ALA B 278 -3.86 -15.58 -2.45
N TYR B 279 -4.31 -14.40 -2.04
CA TYR B 279 -3.66 -13.62 -1.00
C TYR B 279 -4.57 -13.53 0.22
N ILE B 280 -3.97 -13.56 1.41
CA ILE B 280 -4.71 -13.38 2.65
C ILE B 280 -4.09 -12.24 3.43
N VAL B 281 -4.93 -11.35 3.94
CA VAL B 281 -4.50 -10.30 4.86
C VAL B 281 -5.29 -10.47 6.14
N ASN B 282 -4.62 -10.39 7.28
CA ASN B 282 -5.27 -10.67 8.56
C ASN B 282 -4.76 -9.65 9.58
N THR B 283 -5.55 -8.60 9.79
CA THR B 283 -5.33 -7.62 10.84
C THR B 283 -6.29 -7.83 12.00
N ALA B 284 -6.98 -8.97 12.05
CA ALA B 284 -7.99 -9.25 13.06
C ALA B 284 -7.36 -9.85 14.31
N ARG B 285 -7.13 -11.17 14.29
CA ARG B 285 -6.44 -11.87 15.38
C ARG B 285 -5.60 -12.99 14.78
N GLY B 286 -4.43 -13.24 15.40
CA GLY B 286 -3.52 -14.23 14.85
C GLY B 286 -4.09 -15.64 14.81
N LYS B 287 -4.87 -16.01 15.82
CA LYS B 287 -5.33 -17.39 15.94
C LYS B 287 -6.53 -17.71 15.05
N LEU B 288 -7.04 -16.73 14.30
CA LEU B 288 -7.95 -17.06 13.20
C LEU B 288 -7.31 -18.06 12.23
N CYS B 289 -5.99 -18.09 12.15
CA CYS B 289 -5.25 -18.93 11.21
C CYS B 289 -4.42 -19.95 11.99
N ASP B 290 -4.48 -21.21 11.55
CA ASP B 290 -3.50 -22.20 11.94
C ASP B 290 -2.12 -21.74 11.48
N ARG B 291 -1.25 -21.43 12.43
CA ARG B 291 0.01 -20.75 12.11
C ARG B 291 0.86 -21.53 11.10
N ASP B 292 1.01 -22.84 11.31
CA ASP B 292 1.86 -23.64 10.43
C ASP B 292 1.17 -23.99 9.12
N ALA B 293 -0.16 -24.09 9.10
CA ALA B 293 -0.86 -24.29 7.84
C ALA B 293 -0.64 -23.12 6.88
N VAL B 294 -0.64 -21.89 7.40
CA VAL B 294 -0.38 -20.73 6.54
C VAL B 294 1.03 -20.81 5.97
N ALA B 295 2.02 -21.06 6.82
CA ALA B 295 3.39 -21.15 6.36
C ALA B 295 3.56 -22.25 5.31
N ARG B 296 2.96 -23.42 5.56
CA ARG B 296 3.01 -24.52 4.59
C ARG B 296 2.43 -24.09 3.25
N ALA B 297 1.33 -23.33 3.28
CA ALA B 297 0.68 -22.94 2.03
C ALA B 297 1.52 -21.94 1.24
N LEU B 298 2.37 -21.17 1.93
CA LEU B 298 3.25 -20.26 1.22
C LEU B 298 4.50 -20.97 0.70
N GLU B 299 5.01 -21.91 1.50
CA GLU B 299 6.20 -22.67 1.07
C GLU B 299 5.92 -23.51 -0.17
N SER B 300 4.70 -24.03 -0.30
CA SER B 300 4.35 -24.94 -1.38
C SER B 300 3.77 -24.24 -2.59
N GLY B 301 3.74 -22.89 -2.61
CA GLY B 301 3.22 -22.16 -3.75
C GLY B 301 1.72 -22.12 -3.90
N ARG B 302 0.95 -22.52 -2.88
CA ARG B 302 -0.50 -22.45 -3.02
C ARG B 302 -1.02 -21.05 -2.75
N LEU B 303 -0.46 -20.36 -1.77
CA LEU B 303 -0.77 -18.96 -1.52
C LEU B 303 0.31 -18.09 -2.14
N ALA B 304 -0.09 -17.01 -2.79
CA ALA B 304 0.87 -16.06 -3.33
C ALA B 304 1.28 -14.99 -2.33
N GLY B 305 0.64 -14.92 -1.17
CA GLY B 305 0.99 -13.92 -0.17
C GLY B 305 0.14 -13.97 1.09
N TYR B 306 0.77 -13.70 2.24
CA TYR B 306 0.07 -13.53 3.51
C TYR B 306 0.64 -12.31 4.22
N ALA B 307 -0.23 -11.49 4.80
CA ALA B 307 0.25 -10.30 5.49
C ALA B 307 -0.69 -9.95 6.62
N GLY B 308 -0.13 -9.38 7.69
CA GLY B 308 -0.95 -8.87 8.76
C GLY B 308 -0.09 -8.32 9.87
N ASP B 309 -0.77 -7.82 10.91
CA ASP B 309 -0.11 -7.30 12.09
C ASP B 309 -0.49 -8.08 13.34
N VAL B 310 -1.24 -9.16 13.21
CA VAL B 310 -1.66 -9.93 14.38
C VAL B 310 -0.99 -11.29 14.34
N TRP B 311 -0.55 -11.75 15.51
CA TRP B 311 0.20 -12.97 15.66
C TRP B 311 -0.34 -13.79 16.82
N PHE B 312 0.08 -15.04 16.91
CA PHE B 312 -0.10 -15.85 18.10
C PHE B 312 1.16 -16.69 18.33
N PRO B 313 1.79 -16.61 19.52
CA PRO B 313 1.48 -15.63 20.57
C PRO B 313 1.92 -14.22 20.25
N GLN B 314 1.58 -13.28 21.13
CA GLN B 314 2.08 -11.92 21.07
C GLN B 314 2.71 -11.55 22.40
N PRO B 315 3.93 -11.01 22.40
CA PRO B 315 4.71 -10.78 21.17
C PRO B 315 5.15 -12.08 20.50
N ALA B 316 5.39 -12.02 19.20
CA ALA B 316 5.84 -13.19 18.47
C ALA B 316 7.26 -13.54 18.90
N PRO B 317 7.56 -14.80 19.24
CA PRO B 317 8.96 -15.18 19.49
C PRO B 317 9.82 -14.91 18.26
N LYS B 318 11.13 -14.83 18.50
CA LYS B 318 12.05 -14.42 17.43
C LYS B 318 12.07 -15.43 16.28
N ASP B 319 11.65 -16.67 16.51
CA ASP B 319 11.64 -17.70 15.48
C ASP B 319 10.23 -18.05 15.01
N HIS B 320 9.22 -17.24 15.36
CA HIS B 320 7.89 -17.44 14.81
C HIS B 320 7.96 -17.59 13.29
N PRO B 321 7.33 -18.61 12.70
CA PRO B 321 7.54 -18.88 11.27
C PRO B 321 7.06 -17.77 10.35
N TRP B 322 6.05 -17.01 10.76
CA TRP B 322 5.51 -15.97 9.89
C TRP B 322 6.51 -14.87 9.61
N ARG B 323 7.56 -14.73 10.44
CA ARG B 323 8.57 -13.70 10.23
C ARG B 323 9.32 -13.88 8.91
N THR B 324 9.54 -15.12 8.49
CA THR B 324 10.46 -15.40 7.40
C THR B 324 9.87 -16.25 6.29
N MET B 325 8.63 -16.73 6.42
CA MET B 325 8.03 -17.57 5.40
C MET B 325 7.91 -16.79 4.09
N PRO B 326 7.89 -17.49 2.95
CA PRO B 326 7.93 -16.78 1.66
C PRO B 326 6.73 -15.85 1.48
N TYR B 327 6.99 -14.68 0.88
CA TYR B 327 5.93 -13.78 0.40
C TYR B 327 5.03 -13.30 1.54
N ASN B 328 5.64 -13.00 2.68
CA ASN B 328 4.89 -12.48 3.81
C ASN B 328 5.04 -10.96 3.88
N GLY B 329 4.03 -10.31 4.46
CA GLY B 329 4.05 -8.86 4.55
C GLY B 329 3.84 -8.34 5.97
N MET B 330 4.36 -9.10 6.94
CA MET B 330 4.03 -8.91 8.35
C MET B 330 4.53 -7.57 8.86
N THR B 331 3.79 -7.01 9.82
CA THR B 331 4.37 -6.03 10.73
C THR B 331 4.15 -6.55 12.14
N PRO B 332 4.81 -5.99 13.15
CA PRO B 332 4.36 -6.22 14.53
C PRO B 332 2.96 -5.64 14.72
N HIS B 333 2.36 -5.93 15.87
CA HIS B 333 1.01 -5.48 16.14
C HIS B 333 0.93 -3.97 16.36
N ILE B 334 0.62 -3.20 15.32
CA ILE B 334 0.83 -1.76 15.39
C ILE B 334 -0.27 -0.97 14.67
N SER B 335 -1.09 -1.63 13.85
CA SER B 335 -1.93 -0.88 12.90
C SER B 335 -2.91 0.04 13.60
N GLY B 336 -3.37 -0.32 14.79
CA GLY B 336 -4.27 0.55 15.53
C GLY B 336 -3.58 1.48 16.51
N THR B 337 -2.26 1.63 16.43
CA THR B 337 -1.55 2.53 17.33
C THR B 337 -0.61 3.46 16.54
N THR B 338 -1.05 3.91 15.36
CA THR B 338 -0.43 5.08 14.76
C THR B 338 -0.49 6.26 15.74
N LEU B 339 0.39 7.25 15.56
CA LEU B 339 0.32 8.44 16.42
C LEU B 339 -1.03 9.12 16.31
N THR B 340 -1.68 9.04 15.15
CA THR B 340 -3.02 9.58 14.98
C THR B 340 -4.02 8.83 15.85
N ALA B 341 -4.02 7.50 15.79
CA ALA B 341 -4.96 6.73 16.60
C ALA B 341 -4.71 6.96 18.10
N GLN B 342 -3.43 6.99 18.50
CA GLN B 342 -3.10 7.22 19.91
C GLN B 342 -3.73 8.52 20.42
N ALA B 343 -3.75 9.56 19.59
CA ALA B 343 -4.30 10.83 20.01
C ALA B 343 -5.77 10.71 20.33
N ARG B 344 -6.48 9.88 19.57
CA ARG B 344 -7.91 9.68 19.80
C ARG B 344 -8.16 8.83 21.04
N TYR B 345 -7.45 7.70 21.21
CA TYR B 345 -7.78 6.90 22.38
C TYR B 345 -7.12 7.40 23.66
N ALA B 346 -6.07 8.23 23.58
CA ALA B 346 -5.63 8.93 24.78
C ALA B 346 -6.65 9.97 25.21
N ALA B 347 -7.20 10.72 24.25
CA ALA B 347 -8.27 11.65 24.56
C ALA B 347 -9.50 10.92 25.11
N GLY B 348 -9.87 9.79 24.50
CA GLY B 348 -11.01 9.05 25.00
C GLY B 348 -10.75 8.44 26.36
N THR B 349 -9.52 7.99 26.61
CA THR B 349 -9.21 7.44 27.93
C THR B 349 -9.44 8.50 28.99
N ARG B 350 -8.93 9.71 28.75
CA ARG B 350 -9.14 10.79 29.69
C ARG B 350 -10.62 11.11 29.84
N GLU B 351 -11.36 11.15 28.72
CA GLU B 351 -12.80 11.40 28.81
C GLU B 351 -13.47 10.39 29.74
N ILE B 352 -13.18 9.11 29.55
CA ILE B 352 -13.81 8.08 30.36
C ILE B 352 -13.44 8.25 31.83
N LEU B 353 -12.16 8.52 32.11
CA LEU B 353 -11.71 8.72 33.48
C LEU B 353 -12.42 9.90 34.14
N GLU B 354 -12.50 11.04 33.44
CA GLU B 354 -13.21 12.21 33.97
C GLU B 354 -14.65 11.86 34.31
N CYS B 355 -15.35 11.18 33.40
CA CYS B 355 -16.71 10.73 33.67
C CYS B 355 -16.77 9.86 34.93
N PHE B 356 -15.90 8.85 35.00
CA PHE B 356 -15.93 7.90 36.11
C PHE B 356 -15.68 8.60 37.45
N PHE B 357 -14.63 9.41 37.54
CA PHE B 357 -14.34 10.07 38.81
C PHE B 357 -15.40 11.09 39.20
N GLU B 358 -16.03 11.75 38.24
CA GLU B 358 -17.03 12.76 38.57
C GLU B 358 -18.44 12.17 38.70
N GLY B 359 -18.62 10.88 38.47
CA GLY B 359 -19.94 10.28 38.54
C GLY B 359 -20.86 10.63 37.38
N ARG B 360 -20.30 11.15 36.24
CA ARG B 360 -21.19 11.28 35.09
C ARG B 360 -21.20 9.98 34.28
N PRO B 361 -22.29 9.71 33.57
CA PRO B 361 -22.37 8.48 32.79
C PRO B 361 -21.33 8.47 31.68
N ILE B 362 -20.52 7.42 31.64
CA ILE B 362 -19.70 7.14 30.48
C ILE B 362 -20.61 6.97 29.25
N ARG B 363 -20.15 7.45 28.09
CA ARG B 363 -20.91 7.27 26.87
C ARG B 363 -21.34 5.81 26.72
N ASP B 364 -22.53 5.60 26.16
CA ASP B 364 -23.03 4.25 25.98
C ASP B 364 -22.16 3.47 24.98
N GLU B 365 -21.67 4.14 23.93
CA GLU B 365 -20.86 3.42 22.94
C GLU B 365 -19.51 2.98 23.49
N TYR B 366 -19.02 3.59 24.59
CA TYR B 366 -17.77 3.15 25.21
C TYR B 366 -17.95 1.94 26.13
N LEU B 367 -19.16 1.62 26.56
CA LEU B 367 -19.36 0.66 27.63
C LEU B 367 -19.38 -0.78 27.10
N ILE B 368 -18.68 -1.67 27.81
CA ILE B 368 -18.76 -3.10 27.59
C ILE B 368 -19.46 -3.80 28.76
N VAL B 369 -19.06 -3.48 30.01
CA VAL B 369 -19.70 -3.99 31.22
C VAL B 369 -19.96 -2.83 32.16
N GLN B 370 -21.13 -2.82 32.79
CA GLN B 370 -21.43 -1.85 33.83
C GLN B 370 -22.60 -2.34 34.68
N GLY B 371 -22.51 -2.11 35.98
CA GLY B 371 -23.59 -2.48 36.90
C GLY B 371 -23.94 -3.94 36.92
N GLY B 372 -22.95 -4.83 36.86
CA GLY B 372 -23.20 -6.25 36.95
C GLY B 372 -23.81 -6.88 35.71
N ALA B 373 -23.67 -6.24 34.55
CA ALA B 373 -24.20 -6.79 33.31
C ALA B 373 -23.39 -6.26 32.13
N LEU B 374 -23.42 -7.01 31.02
CA LEU B 374 -22.99 -6.45 29.75
C LEU B 374 -23.85 -5.25 29.38
N ALA B 375 -23.21 -4.24 28.79
CA ALA B 375 -23.90 -3.01 28.43
C ALA B 375 -23.21 -2.27 27.29
C1 GOL C . -15.55 2.82 -18.12
O1 GOL C . -15.77 4.18 -18.36
C2 GOL C . -16.22 2.45 -16.78
O2 GOL C . -17.60 2.59 -16.84
C3 GOL C . -15.79 0.98 -16.48
O3 GOL C . -16.95 0.16 -16.58
C1 GOL D . 19.92 -3.81 -17.39
O1 GOL D . 20.30 -4.13 -16.06
C2 GOL D . 18.39 -4.04 -17.49
O2 GOL D . 17.74 -3.55 -16.38
C3 GOL D . 18.21 -5.60 -17.62
O3 GOL D . 19.44 -6.04 -18.14
C1 GOL E . 21.84 -11.54 -26.33
O1 GOL E . 21.91 -10.58 -27.33
C2 GOL E . 22.01 -10.78 -24.99
O2 GOL E . 20.88 -10.10 -24.68
C3 GOL E . 22.26 -11.91 -23.92
O3 GOL E . 22.23 -11.29 -22.66
C1 GOL F . 0.48 -17.76 -16.43
O1 GOL F . -0.34 -17.52 -15.34
C2 GOL F . 1.01 -19.21 -16.26
O2 GOL F . 0.34 -19.92 -15.28
C3 GOL F . 0.81 -19.87 -17.62
O3 GOL F . 1.59 -20.99 -17.60
C01 A7R G . -1.66 16.14 -19.20
C02 A7R G . -0.95 17.54 -19.44
C03 A7R G . -0.68 15.40 -18.79
C04 A7R G . 0.39 17.28 -18.65
C05 A7R G . 4.35 10.65 -16.51
C06 A7R G . 4.82 9.37 -15.76
C07 A7R G . 4.39 10.34 -17.75
C08 A7R G . 5.59 8.51 -16.81
C09 A7R G . -1.17 14.07 -18.25
C10 A7R G . 3.06 9.73 -18.26
C11 A7R G . 5.79 6.31 -16.05
C12 A7R G . 4.02 6.55 -17.61
C13 A7R G . 5.50 4.95 -15.95
C14 A7R G . 3.74 5.19 -17.51
C15 A7R G . 4.49 4.39 -16.70
C16 A7R G . 6.33 4.03 -15.02
C17 A7R G . 2.47 18.35 -19.32
C18 A7R G . 1.28 19.47 -17.35
C19 A7R G . 3.56 19.35 -19.27
C20 A7R G . 3.52 20.42 -18.24
N01 A7R G . 5.04 7.10 -16.87
N02 A7R G . 6.55 2.68 -15.44
N03 A7R G . 1.34 18.39 -18.41
N04 A7R G . 4.62 21.39 -18.20
N05 A7R G . 2.40 20.46 -17.30
O01 A7R G . 0.13 16.38 -17.72
O02 A7R G . 5.57 9.19 -17.94
O03 A7R G . -2.74 16.18 -18.16
O04 A7R G . -1.66 18.59 -19.05
O05 A7R G . 2.97 10.88 -15.98
O06 A7R G . 3.76 8.75 -15.30
O07 A7R G . -0.33 13.04 -18.64
O08 A7R G . 2.01 9.72 -17.33
O09 A7R G . 0.53 10.73 -19.30
O10 A7R G . -1.98 11.02 -19.52
O11 A7R G . -0.47 12.22 -21.10
O12 A7R G . -0.54 10.16 -16.93
O13 A7R G . 0.16 8.32 -18.48
O14 A7R G . 6.78 4.44 -14.00
O15 A7R G . 0.41 19.55 -16.57
P01 A7R G . -0.68 11.79 -19.68
P02 A7R G . 0.48 9.73 -17.97
C01 A7R H . -20.16 -7.96 12.80
C02 A7R H . -20.66 -9.43 13.03
C03 A7R H . -18.91 -8.07 13.09
C04 A7R H . -19.27 -10.16 13.12
C05 A7R H . -11.64 -7.99 14.53
C06 A7R H . -10.25 -7.30 14.28
C07 A7R H . -12.00 -7.52 15.64
C08 A7R H . -9.72 -6.92 15.68
C09 A7R H . -18.09 -6.86 12.69
C10 A7R H . -12.75 -6.17 15.48
C11 A7R H . -7.96 -5.41 15.47
C12 A7R H . -9.95 -4.32 16.12
C13 A7R H . -7.28 -4.20 15.53
C14 A7R H . -9.28 -3.10 16.17
C15 A7R H . -7.95 -3.05 15.88
C16 A7R H . -5.78 -4.14 15.20
C17 A7R H . -18.82 -12.25 14.31
C18 A7R H . -19.54 -12.49 11.87
C19 A7R H . -18.70 -13.73 14.43
C20 A7R H . -19.02 -14.59 13.26
N01 A7R H . -9.28 -5.46 15.76
N02 A7R H . -4.97 -3.15 15.83
N03 A7R H . -19.23 -11.64 13.06
N04 A7R H . -18.91 -16.07 13.38
N05 A7R H . -19.43 -13.98 12.01
O01 A7R H . -18.47 -9.48 12.35
O02 A7R H . -10.64 -7.27 16.55
O03 A7R H . -20.32 -7.50 11.39
O04 A7R H . -21.43 -9.87 12.04
O05 A7R H . -12.50 -7.49 13.41
O06 A7R H . -10.44 -6.21 13.57
O07 A7R H . -17.14 -6.65 13.68
O08 A7R H . -12.93 -5.67 14.16
O09 A7R H . -15.44 -5.24 15.00
O10 A7R H . -17.50 -3.98 14.08
O11 A7R H . -17.74 -5.56 15.97
O12 A7R H . -14.73 -4.46 12.58
O13 A7R H . -13.87 -3.26 14.56
O14 A7R H . -5.30 -4.89 14.41
O15 A7R H . -19.89 -12.05 10.83
P01 A7R H . -17.08 -5.31 14.66
P02 A7R H . -14.24 -4.64 14.01
C1 GOL I . -22.36 12.55 30.89
O1 GOL I . -23.04 13.67 31.48
C2 GOL I . -21.73 13.09 29.61
O2 GOL I . -21.13 14.32 29.86
C3 GOL I . -20.72 11.99 29.16
O3 GOL I . -21.13 11.54 27.88
C1 GOL J . -18.14 -12.33 21.09
O1 GOL J . -17.01 -13.15 21.29
C2 GOL J . -18.09 -11.79 19.63
O2 GOL J . -18.46 -12.75 18.71
C3 GOL J . -19.07 -10.59 19.61
O3 GOL J . -19.57 -10.50 18.30
#